data_3CO3
# 
_entry.id   3CO3 
# 
_audit_conform.dict_name       mmcif_pdbx.dic 
_audit_conform.dict_version    5.387 
_audit_conform.dict_location   http://mmcif.pdb.org/dictionaries/ascii/mmcif_pdbx.dic 
# 
loop_
_database_2.database_id 
_database_2.database_code 
_database_2.pdbx_database_accession 
_database_2.pdbx_DOI 
PDB   3CO3         pdb_00003co3 10.2210/pdb3co3/pdb 
NDB   DD0094       ?            ?                   
RCSB  RCSB047009   ?            ?                   
WWPDB D_1000047009 ?            ?                   
# 
loop_
_pdbx_audit_revision_history.ordinal 
_pdbx_audit_revision_history.data_content_type 
_pdbx_audit_revision_history.major_revision 
_pdbx_audit_revision_history.minor_revision 
_pdbx_audit_revision_history.revision_date 
1 'Structure model' 1 0 2008-06-10 
2 'Structure model' 1 1 2011-07-13 
3 'Structure model' 1 2 2017-10-25 
4 'Structure model' 1 3 2024-02-21 
# 
_pdbx_audit_revision_details.ordinal             1 
_pdbx_audit_revision_details.revision_ordinal    1 
_pdbx_audit_revision_details.data_content_type   'Structure model' 
_pdbx_audit_revision_details.provider            repository 
_pdbx_audit_revision_details.type                'Initial release' 
_pdbx_audit_revision_details.description         ? 
_pdbx_audit_revision_details.details             ? 
# 
loop_
_pdbx_audit_revision_group.ordinal 
_pdbx_audit_revision_group.revision_ordinal 
_pdbx_audit_revision_group.data_content_type 
_pdbx_audit_revision_group.group 
1 2 'Structure model' 'Version format compliance' 
2 3 'Structure model' 'Refinement description'    
3 4 'Structure model' 'Data collection'           
4 4 'Structure model' 'Database references'       
5 4 'Structure model' 'Derived calculations'      
# 
loop_
_pdbx_audit_revision_category.ordinal 
_pdbx_audit_revision_category.revision_ordinal 
_pdbx_audit_revision_category.data_content_type 
_pdbx_audit_revision_category.category 
1 3 'Structure model' software       
2 4 'Structure model' chem_comp_atom 
3 4 'Structure model' chem_comp_bond 
4 4 'Structure model' database_2     
5 4 'Structure model' struct_site    
# 
loop_
_pdbx_audit_revision_item.ordinal 
_pdbx_audit_revision_item.revision_ordinal 
_pdbx_audit_revision_item.data_content_type 
_pdbx_audit_revision_item.item 
1 4 'Structure model' '_database_2.pdbx_DOI'                
2 4 'Structure model' '_database_2.pdbx_database_accession' 
3 4 'Structure model' '_struct_site.pdbx_auth_asym_id'      
4 4 'Structure model' '_struct_site.pdbx_auth_comp_id'      
5 4 'Structure model' '_struct_site.pdbx_auth_seq_id'       
# 
_pdbx_database_status.entry_id                        3CO3 
_pdbx_database_status.deposit_site                    RCSB 
_pdbx_database_status.process_site                    RCSB 
_pdbx_database_status.recvd_initial_deposition_date   2008-03-27 
_pdbx_database_status.status_code                     REL 
_pdbx_database_status.status_code_sf                  REL 
_pdbx_database_status.status_code_mr                  ? 
_pdbx_database_status.SG_entry                        ? 
_pdbx_database_status.pdb_format_compatible           Y 
_pdbx_database_status.status_code_cs                  ? 
_pdbx_database_status.methods_development_category    ? 
_pdbx_database_status.status_code_nmr_data            ? 
# 
loop_
_audit_author.name 
_audit_author.pdbx_ordinal 
'Lovejoy, K.S.'   1 
'Todd, R.C.'      2 
'Zhang, S.'       3 
'McCormick, M.S.' 4 
;D'Aquino, J.A.
;
5 
'Reardon, J.T.'   6 
'Sancar, A.'      7 
'Giacomini, K.M.' 8 
'Lippard, S.J.'   9 
# 
_citation.id                        primary 
_citation.title                     
;cis-Diammine(pyridine)chloroplatinum(II), a monofunctional platinum(II) antitumor agent: Uptake, structure, function, and prospects.
;
_citation.journal_abbrev            Proc.Natl.Acad.Sci.Usa 
_citation.journal_volume            105 
_citation.page_first                8902 
_citation.page_last                 8907 
_citation.year                      2008 
_citation.journal_id_ASTM           PNASA6 
_citation.country                   US 
_citation.journal_id_ISSN           0027-8424 
_citation.journal_id_CSD            0040 
_citation.book_publisher            ? 
_citation.pdbx_database_id_PubMed   18579768 
_citation.pdbx_database_id_DOI      10.1073/pnas.0803441105 
# 
loop_
_citation_author.citation_id 
_citation_author.name 
_citation_author.ordinal 
_citation_author.identifier_ORCID 
primary 'Lovejoy, K.S.'   1 ? 
primary 'Todd, R.C.'      2 ? 
primary 'Zhang, S.'       3 ? 
primary 'McCormick, M.S.' 4 ? 
primary 
;D'Aquino, J.A.
;
5 ? 
primary 'Reardon, J.T.'   6 ? 
primary 'Sancar, A.'      7 ? 
primary 'Giacomini, K.M.' 8 ? 
primary 'Lippard, S.J.'   9 ? 
# 
loop_
_entity.id 
_entity.type 
_entity.src_method 
_entity.pdbx_description 
_entity.formula_weight 
_entity.pdbx_number_of_molecules 
_entity.pdbx_ec 
_entity.pdbx_mutation 
_entity.pdbx_fragment 
_entity.details 
1 polymer     syn "5'-D(*DCP*DCP*DTP*DCP*DTP*DCP*DGP*DTP*DCP*DTP*DCP*DC)-3'" 3525.292 1  ? ? ? ? 
2 polymer     syn "5'-D(*DGP*DGP*DAP*DGP*DAP*DCP*DGP*DAP*DGP*DAP*DGP*DG)-3'" 3801.492 1  ? ? ? ? 
3 non-polymer syn 'cis-diammine(pyridine)chloroplatinum(II)'                 343.692  1  ? ? ? ? 
4 water       nat water                                                      18.015   16 ? ? ? ? 
# 
loop_
_entity_poly.entity_id 
_entity_poly.type 
_entity_poly.nstd_linkage 
_entity_poly.nstd_monomer 
_entity_poly.pdbx_seq_one_letter_code 
_entity_poly.pdbx_seq_one_letter_code_can 
_entity_poly.pdbx_strand_id 
_entity_poly.pdbx_target_identifier 
1 polydeoxyribonucleotide no no '(DC)(DC)(DT)(DC)(DT)(DC)(DG)(DT)(DC)(DT)(DC)(DC)' CCTCTCGTCTCC A ? 
2 polydeoxyribonucleotide no no '(DG)(DG)(DA)(DG)(DA)(DC)(DG)(DA)(DG)(DA)(DG)(DG)' GGAGACGAGAGG B ? 
# 
loop_
_pdbx_entity_nonpoly.entity_id 
_pdbx_entity_nonpoly.name 
_pdbx_entity_nonpoly.comp_id 
3 'cis-diammine(pyridine)chloroplatinum(II)' C7P 
4 water                                      HOH 
# 
loop_
_entity_poly_seq.entity_id 
_entity_poly_seq.num 
_entity_poly_seq.mon_id 
_entity_poly_seq.hetero 
1 1  DC n 
1 2  DC n 
1 3  DT n 
1 4  DC n 
1 5  DT n 
1 6  DC n 
1 7  DG n 
1 8  DT n 
1 9  DC n 
1 10 DT n 
1 11 DC n 
1 12 DC n 
2 1  DG n 
2 2  DG n 
2 3  DA n 
2 4  DG n 
2 5  DA n 
2 6  DC n 
2 7  DG n 
2 8  DA n 
2 9  DG n 
2 10 DA n 
2 11 DG n 
2 12 DG n 
# 
loop_
_chem_comp.id 
_chem_comp.type 
_chem_comp.mon_nstd_flag 
_chem_comp.name 
_chem_comp.pdbx_synonyms 
_chem_comp.formula 
_chem_comp.formula_weight 
C7P non-polymer   . 'cis-diammine(pyridine)chloroplatinum(II)' ? 'C5 H11 Cl N3 Pt 2' 343.692 
DA  'DNA linking' y "2'-DEOXYADENOSINE-5'-MONOPHOSPHATE"       ? 'C10 H14 N5 O6 P'   331.222 
DC  'DNA linking' y "2'-DEOXYCYTIDINE-5'-MONOPHOSPHATE"        ? 'C9 H14 N3 O7 P'    307.197 
DG  'DNA linking' y "2'-DEOXYGUANOSINE-5'-MONOPHOSPHATE"       ? 'C10 H14 N5 O7 P'   347.221 
DT  'DNA linking' y "THYMIDINE-5'-MONOPHOSPHATE"               ? 'C10 H15 N2 O8 P'   322.208 
HOH non-polymer   . WATER                                      ? 'H2 O'              18.015  
# 
loop_
_pdbx_poly_seq_scheme.asym_id 
_pdbx_poly_seq_scheme.entity_id 
_pdbx_poly_seq_scheme.seq_id 
_pdbx_poly_seq_scheme.mon_id 
_pdbx_poly_seq_scheme.ndb_seq_num 
_pdbx_poly_seq_scheme.pdb_seq_num 
_pdbx_poly_seq_scheme.auth_seq_num 
_pdbx_poly_seq_scheme.pdb_mon_id 
_pdbx_poly_seq_scheme.auth_mon_id 
_pdbx_poly_seq_scheme.pdb_strand_id 
_pdbx_poly_seq_scheme.pdb_ins_code 
_pdbx_poly_seq_scheme.hetero 
A 1 1  DC 1  1  1  DC DC A . n 
A 1 2  DC 2  2  2  DC DC A . n 
A 1 3  DT 3  3  3  DT DT A . n 
A 1 4  DC 4  4  4  DC DC A . n 
A 1 5  DT 5  5  5  DT DT A . n 
A 1 6  DC 6  6  6  DC DC A . n 
A 1 7  DG 7  7  7  DG DG A . n 
A 1 8  DT 8  8  8  DT DT A . n 
A 1 9  DC 9  9  9  DC DC A . n 
A 1 10 DT 10 10 10 DT DT A . n 
A 1 11 DC 11 11 11 DC DC A . n 
A 1 12 DC 12 12 12 DC DC A . n 
B 2 1  DG 1  13 13 DG DG B . n 
B 2 2  DG 2  14 14 DG DG B . n 
B 2 3  DA 3  15 15 DA DA B . n 
B 2 4  DG 4  16 16 DG DG B . n 
B 2 5  DA 5  17 17 DA DA B . n 
B 2 6  DC 6  18 18 DC DC B . n 
B 2 7  DG 7  19 19 DG DG B . n 
B 2 8  DA 8  20 20 DA DA B . n 
B 2 9  DG 9  21 21 DG DG B . n 
B 2 10 DA 10 22 22 DA DA B . n 
B 2 11 DG 11 23 23 DG DG B . n 
B 2 12 DG 12 24 24 DG DG B . n 
# 
loop_
_pdbx_nonpoly_scheme.asym_id 
_pdbx_nonpoly_scheme.entity_id 
_pdbx_nonpoly_scheme.mon_id 
_pdbx_nonpoly_scheme.ndb_seq_num 
_pdbx_nonpoly_scheme.pdb_seq_num 
_pdbx_nonpoly_scheme.auth_seq_num 
_pdbx_nonpoly_scheme.pdb_mon_id 
_pdbx_nonpoly_scheme.auth_mon_id 
_pdbx_nonpoly_scheme.pdb_strand_id 
_pdbx_nonpoly_scheme.pdb_ins_code 
C 3 C7P 1  25 25 C7P C7P A . 
D 4 HOH 1  26 1  HOH HOH A . 
D 4 HOH 2  27 3  HOH HOH A . 
D 4 HOH 3  28 5  HOH HOH A . 
D 4 HOH 4  29 11 HOH HOH A . 
D 4 HOH 5  30 14 HOH HOH A . 
D 4 HOH 6  31 16 HOH HOH A . 
E 4 HOH 1  25 2  HOH HOH B . 
E 4 HOH 2  26 4  HOH HOH B . 
E 4 HOH 3  27 6  HOH HOH B . 
E 4 HOH 4  28 7  HOH HOH B . 
E 4 HOH 5  29 8  HOH HOH B . 
E 4 HOH 6  30 9  HOH HOH B . 
E 4 HOH 7  31 10 HOH HOH B . 
E 4 HOH 8  32 12 HOH HOH B . 
E 4 HOH 9  33 13 HOH HOH B . 
E 4 HOH 10 34 15 HOH HOH B . 
# 
loop_
_software.name 
_software.version 
_software.date 
_software.type 
_software.contact_author 
_software.contact_author_email 
_software.classification 
_software.location 
_software.language 
_software.citation_id 
_software.pdbx_ordinal 
DENZO       .     ?                    package 'Zbyszek Otwinowski' zbyszek@mix.swmed.edu           'data reduction'  
http://www.lnls.br/infra/linhasluz/denzo-hkl.htm ?          ? 1 
SCALEPACK   .     ?                    package 'Zbyszek Otwinowski' zbyszek@mix.swmed.edu           'data scaling'    
http://www.lnls.br/infra/linhasluz/denzo-hkl.htm ?          ? 2 
SHARP       .     ?                    package 'de La Fortelle'     sharp-develop@globalphasing.com phasing           
http://babinet.globalphasing.com/sharp/          ?          ? 3 
REFMAC      .     ?                    program 'Murshudov, G.N.'    ccp4@dl.ac.uk                   refinement        
http://www.ccp4.ac.uk/main.html                  Fortran_77 ? 4 
PDB_EXTRACT 3.005 'September 10, 2007' package PDB                  sw-help@rcsb.rutgers.edu        'data extraction' 
http://pdb.rutgers.edu/software/                 C++        ? 5 
HKL-2000    .     ?                    ?       ?                    ?                               'data collection' ? ?          
? 6 
HKL-2000    .     ?                    ?       ?                    ?                               'data reduction'  ? ?          
? 7 
HKL-2000    .     ?                    ?       ?                    ?                               'data scaling'    ? ?          
? 8 
# 
_cell.length_a           46.440 
_cell.length_b           66.010 
_cell.length_c           56.050 
_cell.angle_alpha        90.000 
_cell.angle_beta         90.000 
_cell.angle_gamma        90.000 
_cell.entry_id           3CO3 
_cell.pdbx_unique_axis   ? 
_cell.Z_PDB              8 
_cell.length_a_esd       ? 
_cell.length_b_esd       ? 
_cell.length_c_esd       ? 
_cell.angle_alpha_esd    ? 
_cell.angle_beta_esd     ? 
_cell.angle_gamma_esd    ? 
# 
_symmetry.space_group_name_H-M             'C 2 2 21' 
_symmetry.entry_id                         3CO3 
_symmetry.Int_Tables_number                20 
_symmetry.pdbx_full_space_group_name_H-M   ? 
_symmetry.cell_setting                     ? 
_symmetry.space_group_name_Hall            ? 
# 
_exptl.crystals_number   2 
_exptl.entry_id          3CO3 
_exptl.method            'X-RAY DIFFRACTION' 
# 
_exptl_crystal.id                    1 
_exptl_crystal.density_Matthews      2.93 
_exptl_crystal.density_meas          ? 
_exptl_crystal.density_percent_sol   58.04 
_exptl_crystal.description           ? 
_exptl_crystal.F_000                 ? 
_exptl_crystal.preparation           ? 
# 
_exptl_crystal_grow.crystal_id      1 
_exptl_crystal_grow.method          'VAPOR DIFFUSION, HANGING DROP' 
_exptl_crystal_grow.pH              6.5 
_exptl_crystal_grow.temp            277.0 
_exptl_crystal_grow.temp_details    ? 
_exptl_crystal_grow.pdbx_details    
'120 mM Mg(acetate), 50 mM Na cacodylate, 1 mM spermine, 28% w/v PEG4000, pH 6.5, VAPOR DIFFUSION, HANGING DROP, temperature 277.0K' 
_exptl_crystal_grow.pdbx_pH_range   . 
# 
loop_
_exptl_crystal_grow_comp.crystal_id 
_exptl_crystal_grow_comp.id 
_exptl_crystal_grow_comp.sol_id 
_exptl_crystal_grow_comp.name 
_exptl_crystal_grow_comp.conc 
_exptl_crystal_grow_comp.volume 
_exptl_crystal_grow_comp.details 
1 1  1 'Mg(acetate)'   ? ? ? 
1 2  1 'Na cacodylate' ? ? ? 
1 3  1 spermine        ? ? ? 
1 4  1 PEG4000         ? ? ? 
1 5  1 H2O             ? ? ? 
1 6  2 'Mg(acetate)'   ? ? ? 
1 7  2 'Na cacodylate' ? ? ? 
1 8  2 spermine        ? ? ? 
1 9  2 PEG4000         ? ? ? 
1 10 2 H2O             ? ? ? 
# 
loop_
_diffrn.id 
_diffrn.ambient_temp 
_diffrn.ambient_temp_details 
_diffrn.crystal_id 
1 100 ? 1 
2 100 ? 1 
# 
loop_
_diffrn_detector.diffrn_id 
_diffrn_detector.detector 
_diffrn_detector.type 
_diffrn_detector.pdbx_collection_date 
_diffrn_detector.details 
1 CCD 'ADSC QUANTUM 315'     2007-04-04 ?                                                 
2 CCD 'MARMOSAIC 325 mm CCD' 2007-07-05 'Flat collimating mirror, toroid focusing mirror' 
# 
loop_
_diffrn_radiation.diffrn_id 
_diffrn_radiation.wavelength_id 
_diffrn_radiation.pdbx_diffrn_protocol 
_diffrn_radiation.monochromator 
_diffrn_radiation.pdbx_monochromatic_or_laue_m_l 
_diffrn_radiation.pdbx_scattering_type 
1 1 'SINGLE WAVELENGTH' 'Si(111)'                      M x-ray 
2 1 'SINGLE WAVELENGTH' 'Double crystal monochromator' M x-ray 
# 
loop_
_diffrn_radiation_wavelength.id 
_diffrn_radiation_wavelength.wavelength 
_diffrn_radiation_wavelength.wt 
1 1.072 1.0 
2 0.984 1.0 
# 
loop_
_diffrn_source.diffrn_id 
_diffrn_source.source 
_diffrn_source.type 
_diffrn_source.pdbx_wavelength 
_diffrn_source.pdbx_wavelength_list 
_diffrn_source.pdbx_synchrotron_site 
_diffrn_source.pdbx_synchrotron_beamline 
1 SYNCHROTRON 'APS BEAMLINE 24-ID-C' ? 1.072 APS  24-ID-C 
2 SYNCHROTRON 'SSRL BEAMLINE BL9-2'  ? 0.984 SSRL BL9-2   
# 
_reflns.entry_id                     3CO3 
_reflns.d_resolution_high            2.170 
_reflns.d_resolution_low             50.000 
_reflns.number_obs                   4765 
_reflns.pdbx_Rmerge_I_obs            0.107 
_reflns.pdbx_netI_over_sigmaI        18.100 
_reflns.pdbx_chi_squared             0.989 
_reflns.pdbx_redundancy              6.900 
_reflns.percent_possible_obs         96.000 
_reflns.observed_criterion_sigma_F   0.0 
_reflns.observed_criterion_sigma_I   0.0 
_reflns.number_all                   4836 
_reflns.pdbx_Rsym_value              ? 
_reflns.B_iso_Wilson_estimate        ? 
_reflns.R_free_details               ? 
_reflns.pdbx_scaling_rejects         ? 
_reflns.pdbx_diffrn_id               1,2 
_reflns.pdbx_ordinal                 1 
# 
loop_
_reflns_shell.d_res_high 
_reflns_shell.d_res_low 
_reflns_shell.number_measured_obs 
_reflns_shell.number_measured_all 
_reflns_shell.number_unique_obs 
_reflns_shell.Rmerge_I_obs 
_reflns_shell.meanI_over_sigI_obs 
_reflns_shell.pdbx_Rsym_value 
_reflns_shell.pdbx_chi_squared 
_reflns_shell.pdbx_redundancy 
_reflns_shell.percent_possible_obs 
_reflns_shell.number_unique_all 
_reflns_shell.percent_possible_all 
_reflns_shell.pdbx_diffrn_id 
_reflns_shell.pdbx_ordinal 
2.17 2.25  ? ? ? 0.556 ? ? 0.652 6.80 ? 367 76.00  ? 1  
2.25 2.34  ? ? ? 0.576 ? ? 1.276 6.10 ? 465 97.90  ? 2  
2.34 2.44  ? ? ? 0.232 ? ? 0.645 7.20 ? 497 100.00 ? 3  
2.44 2.57  ? ? ? 0.175 ? ? 1.102 7.30 ? 486 100.00 ? 4  
2.57 2.73  ? ? ? 0.126 ? ? 1.054 7.20 ? 490 100.00 ? 5  
2.73 2.95  ? ? ? 0.109 ? ? 1.065 7.20 ? 491 100.00 ? 6  
2.95 3.24  ? ? ? 0.107 ? ? 1.030 7.20 ? 485 100.00 ? 7  
3.24 3.71  ? ? ? 0.093 ? ? 1.020 7.00 ? 484 95.30  ? 8  
3.71 4.67  ? ? ? 0.094 ? ? 0.990 6.80 ? 499 98.60  ? 9  
4.67 50.00 ? ? ? 0.106 ? ? 1.026 6.30 ? 501 92.10  ? 10 
# 
_refine.entry_id                                 3CO3 
_refine.ls_d_res_high                            2.160 
_refine.ls_d_res_low                             28.440 
_refine.pdbx_ls_sigma_F                          2.0 
_refine.ls_percent_reflns_obs                    95.410 
_refine.ls_number_reflns_obs                     4614 
_refine.pdbx_ls_cross_valid_method               THROUGHOUT 
_refine.pdbx_R_Free_selection_details            RANDOM 
_refine.ls_R_factor_obs                          0.227 
_refine.ls_R_factor_R_work                       0.225 
_refine.ls_R_factor_R_free                       0.254 
_refine.ls_percent_reflns_R_free                 4.700 
_refine.ls_number_reflns_R_free                  216 
_refine.B_iso_mean                               42.444 
_refine.aniso_B[1][1]                            0.090 
_refine.aniso_B[2][2]                            0.040 
_refine.aniso_B[3][3]                            -0.130 
_refine.aniso_B[1][2]                            0.000 
_refine.aniso_B[1][3]                            0.000 
_refine.aniso_B[2][3]                            0.000 
_refine.correlation_coeff_Fo_to_Fc               0.951 
_refine.correlation_coeff_Fo_to_Fc_free          0.937 
_refine.pdbx_overall_ESU_R                       0.234 
_refine.pdbx_overall_ESU_R_Free                  0.193 
_refine.overall_SU_ML                            0.146 
_refine.overall_SU_B                             6.136 
_refine.solvent_model_details                    'BABINET MODEL WITH MASK' 
_refine.pdbx_solvent_vdw_probe_radii             1.200 
_refine.pdbx_solvent_ion_probe_radii             0.800 
_refine.pdbx_solvent_shrinkage_radii             0.800 
_refine.pdbx_method_to_determine_struct          SAD 
_refine.pdbx_stereochemistry_target_values       'MAXIMUM LIKELIHOOD' 
_refine.pdbx_ls_sigma_I                          ? 
_refine.ls_number_reflns_all                     4836 
_refine.ls_R_factor_all                          0.248 
_refine.ls_redundancy_reflns_obs                 ? 
_refine.pdbx_data_cutoff_high_absF               ? 
_refine.pdbx_data_cutoff_low_absF                ? 
_refine.ls_number_parameters                     ? 
_refine.ls_number_restraints                     ? 
_refine.ls_R_factor_R_free_error                 ? 
_refine.ls_R_factor_R_free_error_details         ? 
_refine.pdbx_starting_model                      ? 
_refine.pdbx_stereochem_target_val_spec_case     ? 
_refine.solvent_model_param_bsol                 ? 
_refine.solvent_model_param_ksol                 ? 
_refine.occupancy_max                            ? 
_refine.occupancy_min                            ? 
_refine.pdbx_isotropic_thermal_model             ? 
_refine.details                                  ? 
_refine.overall_SU_R_Cruickshank_DPI             ? 
_refine.overall_SU_R_free                        ? 
_refine.pdbx_data_cutoff_high_rms_absF           ? 
_refine.ls_wR_factor_R_free                      ? 
_refine.ls_wR_factor_R_work                      ? 
_refine.overall_FOM_free_R_set                   ? 
_refine.overall_FOM_work_R_set                   ? 
_refine.pdbx_overall_phase_error                 ? 
_refine.pdbx_refine_id                           'X-RAY DIFFRACTION' 
_refine.pdbx_diffrn_id                           1 
_refine.pdbx_TLS_residual_ADP_flag               ? 
_refine.pdbx_overall_SU_R_free_Cruickshank_DPI   ? 
_refine.pdbx_overall_SU_R_Blow_DPI               ? 
_refine.pdbx_overall_SU_R_free_Blow_DPI          ? 
# 
_refine_hist.pdbx_refine_id                   'X-RAY DIFFRACTION' 
_refine_hist.cycle_id                         LAST 
_refine_hist.pdbx_number_atoms_protein        0 
_refine_hist.pdbx_number_atoms_nucleic_acid   486 
_refine_hist.pdbx_number_atoms_ligand         9 
_refine_hist.number_atoms_solvent             16 
_refine_hist.number_atoms_total               511 
_refine_hist.d_res_high                       2.160 
_refine_hist.d_res_low                        28.440 
# 
loop_
_refine_ls_restr.type 
_refine_ls_restr.number 
_refine_ls_restr.dev_ideal 
_refine_ls_restr.dev_ideal_target 
_refine_ls_restr.weight 
_refine_ls_restr.pdbx_refine_id 
_refine_ls_restr.pdbx_restraint_function 
r_bond_refined_d         554 0.006 0.021 ? 'X-RAY DIFFRACTION' ? 
r_angle_refined_deg      844 1.435 3.000 ? 'X-RAY DIFFRACTION' ? 
r_chiral_restr           94  0.089 0.200 ? 'X-RAY DIFFRACTION' ? 
r_gen_planes_refined     254 0.007 0.020 ? 'X-RAY DIFFRACTION' ? 
r_nbd_refined            87  0.213 0.200 ? 'X-RAY DIFFRACTION' ? 
r_nbtor_refined          307 0.349 0.200 ? 'X-RAY DIFFRACTION' ? 
r_xyhbond_nbd_refined    9   0.125 0.200 ? 'X-RAY DIFFRACTION' ? 
r_symmetry_vdw_refined   14  0.142 0.200 ? 'X-RAY DIFFRACTION' ? 
r_symmetry_hbond_refined 5   0.218 0.200 ? 'X-RAY DIFFRACTION' ? 
r_mcbond_it              2   6.168 1.500 ? 'X-RAY DIFFRACTION' ? 
r_scbond_it              792 5.863 3.000 ? 'X-RAY DIFFRACTION' ? 
r_scangle_it             844 7.387 4.500 ? 'X-RAY DIFFRACTION' ? 
# 
_refine_ls_shell.d_res_high                       2.162 
_refine_ls_shell.d_res_low                        2.218 
_refine_ls_shell.pdbx_total_number_of_bins_used   20 
_refine_ls_shell.percent_reflns_obs               81.480 
_refine_ls_shell.number_reflns_R_work             274 
_refine_ls_shell.R_factor_all                     ? 
_refine_ls_shell.R_factor_R_work                  0.443 
_refine_ls_shell.R_factor_R_free                  0.449 
_refine_ls_shell.percent_reflns_R_free            ? 
_refine_ls_shell.number_reflns_R_free             12 
_refine_ls_shell.R_factor_R_free_error            ? 
_refine_ls_shell.number_reflns_all                286 
_refine_ls_shell.number_reflns_obs                ? 
_refine_ls_shell.redundancy_reflns_obs            ? 
_refine_ls_shell.pdbx_refine_id                   'X-RAY DIFFRACTION' 
# 
_struct.entry_id                  3CO3 
_struct.title                     
;X-Ray Crystal Structure of a Monofunctional Platinum-DNA Adduct, cis-{Pt(NH3)2(pyridine)}2+ Bound to Deoxyguanosine in a Dodecamer Duplex
;
_struct.pdbx_model_details        ? 
_struct.pdbx_CASP_flag            ? 
_struct.pdbx_model_type_details   ? 
# 
_struct_keywords.entry_id        3CO3 
_struct_keywords.pdbx_keywords   DNA 
_struct_keywords.text            'PLATINUM-DNA DUPLEX, CISPLATIN, MONOFUNCTIONAL PT COMPOUND, DNA' 
# 
loop_
_struct_asym.id 
_struct_asym.pdbx_blank_PDB_chainid_flag 
_struct_asym.pdbx_modified 
_struct_asym.entity_id 
_struct_asym.details 
A N N 1 ? 
B N N 2 ? 
C N N 3 ? 
D N N 4 ? 
E N N 4 ? 
# 
loop_
_struct_ref.id 
_struct_ref.db_name 
_struct_ref.db_code 
_struct_ref.pdbx_db_accession 
_struct_ref.entity_id 
_struct_ref.pdbx_align_begin 
_struct_ref.pdbx_seq_one_letter_code 
_struct_ref.pdbx_db_isoform 
1 PDB 3CO3 3CO3 1 ? CCTCTCGTCTCC ? 
2 PDB 3CO3 3CO3 2 ? GGAGACGAGAGG ? 
# 
loop_
_struct_ref_seq.align_id 
_struct_ref_seq.ref_id 
_struct_ref_seq.pdbx_PDB_id_code 
_struct_ref_seq.pdbx_strand_id 
_struct_ref_seq.seq_align_beg 
_struct_ref_seq.pdbx_seq_align_beg_ins_code 
_struct_ref_seq.seq_align_end 
_struct_ref_seq.pdbx_seq_align_end_ins_code 
_struct_ref_seq.pdbx_db_accession 
_struct_ref_seq.db_align_beg 
_struct_ref_seq.pdbx_db_align_beg_ins_code 
_struct_ref_seq.db_align_end 
_struct_ref_seq.pdbx_db_align_end_ins_code 
_struct_ref_seq.pdbx_auth_seq_align_beg 
_struct_ref_seq.pdbx_auth_seq_align_end 
1 1 3CO3 A 1 ? 12 ? 3CO3 1  ? 12 ? 1  12 
2 2 3CO3 B 1 ? 12 ? 3CO3 13 ? 24 ? 13 24 
# 
_pdbx_struct_assembly.id                   1 
_pdbx_struct_assembly.details              author_defined_assembly 
_pdbx_struct_assembly.method_details       ? 
_pdbx_struct_assembly.oligomeric_details   dimeric 
_pdbx_struct_assembly.oligomeric_count     2 
# 
_pdbx_struct_assembly_gen.assembly_id       1 
_pdbx_struct_assembly_gen.oper_expression   1 
_pdbx_struct_assembly_gen.asym_id_list      A,B,C,D,E 
# 
_pdbx_struct_oper_list.id                   1 
_pdbx_struct_oper_list.type                 'identity operation' 
_pdbx_struct_oper_list.name                 1_555 
_pdbx_struct_oper_list.symmetry_operation   x,y,z 
_pdbx_struct_oper_list.matrix[1][1]         1.0000000000 
_pdbx_struct_oper_list.matrix[1][2]         0.0000000000 
_pdbx_struct_oper_list.matrix[1][3]         0.0000000000 
_pdbx_struct_oper_list.vector[1]            0.0000000000 
_pdbx_struct_oper_list.matrix[2][1]         0.0000000000 
_pdbx_struct_oper_list.matrix[2][2]         1.0000000000 
_pdbx_struct_oper_list.matrix[2][3]         0.0000000000 
_pdbx_struct_oper_list.vector[2]            0.0000000000 
_pdbx_struct_oper_list.matrix[3][1]         0.0000000000 
_pdbx_struct_oper_list.matrix[3][2]         0.0000000000 
_pdbx_struct_oper_list.matrix[3][3]         1.0000000000 
_pdbx_struct_oper_list.vector[3]            0.0000000000 
# 
_struct_biol.id        1 
_struct_biol.details   ? 
# 
loop_
_struct_conn.id 
_struct_conn.conn_type_id 
_struct_conn.pdbx_leaving_atom_flag 
_struct_conn.pdbx_PDB_id 
_struct_conn.ptnr1_label_asym_id 
_struct_conn.ptnr1_label_comp_id 
_struct_conn.ptnr1_label_seq_id 
_struct_conn.ptnr1_label_atom_id 
_struct_conn.pdbx_ptnr1_label_alt_id 
_struct_conn.pdbx_ptnr1_PDB_ins_code 
_struct_conn.pdbx_ptnr1_standard_comp_id 
_struct_conn.ptnr1_symmetry 
_struct_conn.ptnr2_label_asym_id 
_struct_conn.ptnr2_label_comp_id 
_struct_conn.ptnr2_label_seq_id 
_struct_conn.ptnr2_label_atom_id 
_struct_conn.pdbx_ptnr2_label_alt_id 
_struct_conn.pdbx_ptnr2_PDB_ins_code 
_struct_conn.ptnr1_auth_asym_id 
_struct_conn.ptnr1_auth_comp_id 
_struct_conn.ptnr1_auth_seq_id 
_struct_conn.ptnr2_auth_asym_id 
_struct_conn.ptnr2_auth_comp_id 
_struct_conn.ptnr2_auth_seq_id 
_struct_conn.ptnr2_symmetry 
_struct_conn.pdbx_ptnr3_label_atom_id 
_struct_conn.pdbx_ptnr3_label_seq_id 
_struct_conn.pdbx_ptnr3_label_comp_id 
_struct_conn.pdbx_ptnr3_label_asym_id 
_struct_conn.pdbx_ptnr3_label_alt_id 
_struct_conn.pdbx_ptnr3_PDB_ins_code 
_struct_conn.details 
_struct_conn.pdbx_dist_value 
_struct_conn.pdbx_value_order 
_struct_conn.pdbx_role 
metalc1  metalc ? ? A DG 7  N7 ? ? ? 1_555 C C7P .  PT1 ? ? A DG 7  A C7P 25 1_555 ? ? ? ? ? ? ?            1.947 ? ? 
hydrog1  hydrog ? ? A DC 1  N3 ? ? ? 1_555 B DG  12 N1  ? ? A DC 1  B DG  24 1_555 ? ? ? ? ? ? WATSON-CRICK ?     ? ? 
hydrog2  hydrog ? ? A DC 1  N4 ? ? ? 1_555 B DG  12 O6  ? ? A DC 1  B DG  24 1_555 ? ? ? ? ? ? WATSON-CRICK ?     ? ? 
hydrog3  hydrog ? ? A DC 1  O2 ? ? ? 1_555 B DG  12 N2  ? ? A DC 1  B DG  24 1_555 ? ? ? ? ? ? WATSON-CRICK ?     ? ? 
hydrog4  hydrog ? ? A DC 2  N3 ? ? ? 1_555 B DG  11 N1  ? ? A DC 2  B DG  23 1_555 ? ? ? ? ? ? WATSON-CRICK ?     ? ? 
hydrog5  hydrog ? ? A DC 2  N4 ? ? ? 1_555 B DG  11 O6  ? ? A DC 2  B DG  23 1_555 ? ? ? ? ? ? WATSON-CRICK ?     ? ? 
hydrog6  hydrog ? ? A DC 2  O2 ? ? ? 1_555 B DG  11 N2  ? ? A DC 2  B DG  23 1_555 ? ? ? ? ? ? WATSON-CRICK ?     ? ? 
hydrog7  hydrog ? ? A DT 3  N3 ? ? ? 1_555 B DA  10 N1  ? ? A DT 3  B DA  22 1_555 ? ? ? ? ? ? WATSON-CRICK ?     ? ? 
hydrog8  hydrog ? ? A DT 3  O4 ? ? ? 1_555 B DA  10 N6  ? ? A DT 3  B DA  22 1_555 ? ? ? ? ? ? WATSON-CRICK ?     ? ? 
hydrog9  hydrog ? ? A DC 4  N3 ? ? ? 1_555 B DG  9  N1  ? ? A DC 4  B DG  21 1_555 ? ? ? ? ? ? WATSON-CRICK ?     ? ? 
hydrog10 hydrog ? ? A DC 4  N4 ? ? ? 1_555 B DG  9  O6  ? ? A DC 4  B DG  21 1_555 ? ? ? ? ? ? WATSON-CRICK ?     ? ? 
hydrog11 hydrog ? ? A DC 4  O2 ? ? ? 1_555 B DG  9  N2  ? ? A DC 4  B DG  21 1_555 ? ? ? ? ? ? WATSON-CRICK ?     ? ? 
hydrog12 hydrog ? ? A DT 5  N3 ? ? ? 1_555 B DA  8  N1  ? ? A DT 5  B DA  20 1_555 ? ? ? ? ? ? WATSON-CRICK ?     ? ? 
hydrog13 hydrog ? ? A DT 5  O4 ? ? ? 1_555 B DA  8  N6  ? ? A DT 5  B DA  20 1_555 ? ? ? ? ? ? WATSON-CRICK ?     ? ? 
hydrog14 hydrog ? ? A DC 6  N3 ? ? ? 1_555 B DG  7  N1  ? ? A DC 6  B DG  19 1_555 ? ? ? ? ? ? WATSON-CRICK ?     ? ? 
hydrog15 hydrog ? ? A DC 6  N4 ? ? ? 1_555 B DG  7  O6  ? ? A DC 6  B DG  19 1_555 ? ? ? ? ? ? WATSON-CRICK ?     ? ? 
hydrog16 hydrog ? ? A DC 6  O2 ? ? ? 1_555 B DG  7  N2  ? ? A DC 6  B DG  19 1_555 ? ? ? ? ? ? WATSON-CRICK ?     ? ? 
hydrog17 hydrog ? ? A DG 7  N1 ? ? ? 1_555 B DC  6  N3  ? ? A DG 7  B DC  18 1_555 ? ? ? ? ? ? WATSON-CRICK ?     ? ? 
hydrog18 hydrog ? ? A DG 7  N2 ? ? ? 1_555 B DC  6  O2  ? ? A DG 7  B DC  18 1_555 ? ? ? ? ? ? WATSON-CRICK ?     ? ? 
hydrog19 hydrog ? ? A DG 7  O6 ? ? ? 1_555 B DC  6  N4  ? ? A DG 7  B DC  18 1_555 ? ? ? ? ? ? WATSON-CRICK ?     ? ? 
hydrog20 hydrog ? ? A DT 8  N3 ? ? ? 1_555 B DA  5  N1  ? ? A DT 8  B DA  17 1_555 ? ? ? ? ? ? WATSON-CRICK ?     ? ? 
hydrog21 hydrog ? ? A DT 8  O4 ? ? ? 1_555 B DA  5  N6  ? ? A DT 8  B DA  17 1_555 ? ? ? ? ? ? WATSON-CRICK ?     ? ? 
hydrog22 hydrog ? ? A DC 9  N3 ? ? ? 1_555 B DG  4  N1  ? ? A DC 9  B DG  16 1_555 ? ? ? ? ? ? WATSON-CRICK ?     ? ? 
hydrog23 hydrog ? ? A DC 9  N4 ? ? ? 1_555 B DG  4  O6  ? ? A DC 9  B DG  16 1_555 ? ? ? ? ? ? WATSON-CRICK ?     ? ? 
hydrog24 hydrog ? ? A DC 9  O2 ? ? ? 1_555 B DG  4  N2  ? ? A DC 9  B DG  16 1_555 ? ? ? ? ? ? WATSON-CRICK ?     ? ? 
hydrog25 hydrog ? ? A DT 10 N3 ? ? ? 1_555 B DA  3  N1  ? ? A DT 10 B DA  15 1_555 ? ? ? ? ? ? WATSON-CRICK ?     ? ? 
hydrog26 hydrog ? ? A DT 10 O4 ? ? ? 1_555 B DA  3  N6  ? ? A DT 10 B DA  15 1_555 ? ? ? ? ? ? WATSON-CRICK ?     ? ? 
hydrog27 hydrog ? ? A DC 11 N3 ? ? ? 1_555 B DG  2  N1  ? ? A DC 11 B DG  14 1_555 ? ? ? ? ? ? WATSON-CRICK ?     ? ? 
hydrog28 hydrog ? ? A DC 11 N4 ? ? ? 1_555 B DG  2  O6  ? ? A DC 11 B DG  14 1_555 ? ? ? ? ? ? WATSON-CRICK ?     ? ? 
hydrog29 hydrog ? ? A DC 11 O2 ? ? ? 1_555 B DG  2  N2  ? ? A DC 11 B DG  14 1_555 ? ? ? ? ? ? WATSON-CRICK ?     ? ? 
hydrog30 hydrog ? ? A DC 12 N3 ? ? ? 1_555 B DG  1  N1  ? ? A DC 12 B DG  13 1_555 ? ? ? ? ? ? WATSON-CRICK ?     ? ? 
hydrog31 hydrog ? ? A DC 12 N4 ? ? ? 1_555 B DG  1  O6  ? ? A DC 12 B DG  13 1_555 ? ? ? ? ? ? WATSON-CRICK ?     ? ? 
hydrog32 hydrog ? ? A DC 12 O2 ? ? ? 1_555 B DG  1  N2  ? ? A DC 12 B DG  13 1_555 ? ? ? ? ? ? WATSON-CRICK ?     ? ? 
# 
loop_
_struct_conn_type.id 
_struct_conn_type.criteria 
_struct_conn_type.reference 
metalc ? ? 
hydrog ? ? 
# 
loop_
_pdbx_struct_conn_angle.id 
_pdbx_struct_conn_angle.ptnr1_label_atom_id 
_pdbx_struct_conn_angle.ptnr1_label_alt_id 
_pdbx_struct_conn_angle.ptnr1_label_asym_id 
_pdbx_struct_conn_angle.ptnr1_label_comp_id 
_pdbx_struct_conn_angle.ptnr1_label_seq_id 
_pdbx_struct_conn_angle.ptnr1_auth_atom_id 
_pdbx_struct_conn_angle.ptnr1_auth_asym_id 
_pdbx_struct_conn_angle.ptnr1_auth_comp_id 
_pdbx_struct_conn_angle.ptnr1_auth_seq_id 
_pdbx_struct_conn_angle.ptnr1_PDB_ins_code 
_pdbx_struct_conn_angle.ptnr1_symmetry 
_pdbx_struct_conn_angle.ptnr2_label_atom_id 
_pdbx_struct_conn_angle.ptnr2_label_alt_id 
_pdbx_struct_conn_angle.ptnr2_label_asym_id 
_pdbx_struct_conn_angle.ptnr2_label_comp_id 
_pdbx_struct_conn_angle.ptnr2_label_seq_id 
_pdbx_struct_conn_angle.ptnr2_auth_atom_id 
_pdbx_struct_conn_angle.ptnr2_auth_asym_id 
_pdbx_struct_conn_angle.ptnr2_auth_comp_id 
_pdbx_struct_conn_angle.ptnr2_auth_seq_id 
_pdbx_struct_conn_angle.ptnr2_PDB_ins_code 
_pdbx_struct_conn_angle.ptnr2_symmetry 
_pdbx_struct_conn_angle.ptnr3_label_atom_id 
_pdbx_struct_conn_angle.ptnr3_label_alt_id 
_pdbx_struct_conn_angle.ptnr3_label_asym_id 
_pdbx_struct_conn_angle.ptnr3_label_comp_id 
_pdbx_struct_conn_angle.ptnr3_label_seq_id 
_pdbx_struct_conn_angle.ptnr3_auth_atom_id 
_pdbx_struct_conn_angle.ptnr3_auth_asym_id 
_pdbx_struct_conn_angle.ptnr3_auth_comp_id 
_pdbx_struct_conn_angle.ptnr3_auth_seq_id 
_pdbx_struct_conn_angle.ptnr3_PDB_ins_code 
_pdbx_struct_conn_angle.ptnr3_symmetry 
_pdbx_struct_conn_angle.value 
_pdbx_struct_conn_angle.value_esd 
1 N7 ? A DG  7 ? A DG  7  ? 1_555 PT1 ? C C7P . ? A C7P 25 ? 1_555 N1 ? C C7P . ? A C7P 25 ? 1_555 93.3  ? 
2 N7 ? A DG  7 ? A DG  7  ? 1_555 PT1 ? C C7P . ? A C7P 25 ? 1_555 N3 ? C C7P . ? A C7P 25 ? 1_555 177.9 ? 
3 N1 ? C C7P . ? A C7P 25 ? 1_555 PT1 ? C C7P . ? A C7P 25 ? 1_555 N3 ? C C7P . ? A C7P 25 ? 1_555 86.6  ? 
4 N7 ? A DG  7 ? A DG  7  ? 1_555 PT1 ? C C7P . ? A C7P 25 ? 1_555 N2 ? C C7P . ? A C7P 25 ? 1_555 95.7  ? 
5 N1 ? C C7P . ? A C7P 25 ? 1_555 PT1 ? C C7P . ? A C7P 25 ? 1_555 N2 ? C C7P . ? A C7P 25 ? 1_555 170.9 ? 
6 N3 ? C C7P . ? A C7P 25 ? 1_555 PT1 ? C C7P . ? A C7P 25 ? 1_555 N2 ? C C7P . ? A C7P 25 ? 1_555 84.3  ? 
# 
loop_
_struct_site.id 
_struct_site.pdbx_evidence_code 
_struct_site.pdbx_auth_asym_id 
_struct_site.pdbx_auth_comp_id 
_struct_site.pdbx_auth_seq_id 
_struct_site.pdbx_auth_ins_code 
_struct_site.pdbx_num_residues 
_struct_site.details 
AC1 Software A C7P 25 ? 5 'BINDING SITE FOR RESIDUE C7P A 25' 
1   ?        ? ?   ?  ? ? ?                                   
# 
loop_
_struct_site_gen.id 
_struct_site_gen.site_id 
_struct_site_gen.pdbx_num_res 
_struct_site_gen.label_comp_id 
_struct_site_gen.label_asym_id 
_struct_site_gen.label_seq_id 
_struct_site_gen.pdbx_auth_ins_code 
_struct_site_gen.auth_comp_id 
_struct_site_gen.auth_asym_id 
_struct_site_gen.auth_seq_id 
_struct_site_gen.label_atom_id 
_struct_site_gen.label_alt_id 
_struct_site_gen.symmetry 
_struct_site_gen.details 
1 AC1 5 DC  A 6 ? DC  A 6  . ? 1_555 ? 
2 AC1 5 DG  A 7 ? DG  A 7  . ? 1_555 ? 
3 AC1 5 DT  A 8 ? DT  A 8  . ? 1_555 ? 
4 AC1 5 HOH D . ? HOH A 31 . ? 1_555 ? 
5 AC1 5 DG  B 4 ? DG  B 16 . ? 1_555 ? 
# 
loop_
_pdbx_validate_rmsd_angle.id 
_pdbx_validate_rmsd_angle.PDB_model_num 
_pdbx_validate_rmsd_angle.auth_atom_id_1 
_pdbx_validate_rmsd_angle.auth_asym_id_1 
_pdbx_validate_rmsd_angle.auth_comp_id_1 
_pdbx_validate_rmsd_angle.auth_seq_id_1 
_pdbx_validate_rmsd_angle.PDB_ins_code_1 
_pdbx_validate_rmsd_angle.label_alt_id_1 
_pdbx_validate_rmsd_angle.auth_atom_id_2 
_pdbx_validate_rmsd_angle.auth_asym_id_2 
_pdbx_validate_rmsd_angle.auth_comp_id_2 
_pdbx_validate_rmsd_angle.auth_seq_id_2 
_pdbx_validate_rmsd_angle.PDB_ins_code_2 
_pdbx_validate_rmsd_angle.label_alt_id_2 
_pdbx_validate_rmsd_angle.auth_atom_id_3 
_pdbx_validate_rmsd_angle.auth_asym_id_3 
_pdbx_validate_rmsd_angle.auth_comp_id_3 
_pdbx_validate_rmsd_angle.auth_seq_id_3 
_pdbx_validate_rmsd_angle.PDB_ins_code_3 
_pdbx_validate_rmsd_angle.label_alt_id_3 
_pdbx_validate_rmsd_angle.angle_value 
_pdbx_validate_rmsd_angle.angle_target_value 
_pdbx_validate_rmsd_angle.angle_deviation 
_pdbx_validate_rmsd_angle.angle_standard_deviation 
_pdbx_validate_rmsd_angle.linker_flag 
1 1 "O4'" A DC 4  ? ? "C1'" A DC 4  ? ? N1    A DC 4  ? ? 110.16 108.30 1.86  0.30 N 
2 1 "O4'" A DG 7  ? ? "C1'" A DG 7  ? ? N9    A DG 7  ? ? 112.05 108.30 3.75  0.30 N 
3 1 "O4'" B DG 16 ? ? "C1'" B DG 16 ? ? N9    B DG 16 ? ? 110.27 108.30 1.97  0.30 N 
4 1 "O4'" B DC 18 ? ? "C1'" B DC 18 ? ? N1    B DC 18 ? ? 112.85 108.30 4.55  0.30 N 
5 1 "C3'" B DG 21 ? ? "C2'" B DG 21 ? ? "C1'" B DG 21 ? ? 96.34  102.40 -6.06 0.80 N 
6 1 "O4'" B DG 21 ? ? "C1'" B DG 21 ? ? N9    B DG 21 ? ? 111.11 108.30 2.81  0.30 N 
7 1 "O4'" B DG 23 ? ? "C1'" B DG 23 ? ? N9    B DG 23 ? ? 112.40 108.30 4.10  0.30 N 
# 
_struct_site_keywords.site_id   1 
_struct_site_keywords.text      'MAJOR GROOVE BINDER' 
# 
_diffrn_reflns.diffrn_id                   1 
_diffrn_reflns.pdbx_d_res_high             2.720 
_diffrn_reflns.pdbx_d_res_low              50.000 
_diffrn_reflns.pdbx_number_obs             4231 
_diffrn_reflns.pdbx_Rmerge_I_obs           0.073 
_diffrn_reflns.pdbx_Rsym_value             ? 
_diffrn_reflns.pdbx_chi_squared            7.54 
_diffrn_reflns.av_sigmaI_over_netI         23.20 
_diffrn_reflns.pdbx_redundancy             6.30 
_diffrn_reflns.pdbx_percent_possible_obs   94.20 
_diffrn_reflns.number                      26784 
_diffrn_reflns.pdbx_observed_criterion     ? 
_diffrn_reflns.limit_h_max                 ? 
_diffrn_reflns.limit_h_min                 ? 
_diffrn_reflns.limit_k_max                 ? 
_diffrn_reflns.limit_k_min                 ? 
_diffrn_reflns.limit_l_max                 ? 
_diffrn_reflns.limit_l_min                 ? 
# 
loop_
_pdbx_diffrn_reflns_shell.diffrn_id 
_pdbx_diffrn_reflns_shell.d_res_high 
_pdbx_diffrn_reflns_shell.d_res_low 
_pdbx_diffrn_reflns_shell.number_obs 
_pdbx_diffrn_reflns_shell.rejects 
_pdbx_diffrn_reflns_shell.Rmerge_I_obs 
_pdbx_diffrn_reflns_shell.Rsym_value 
_pdbx_diffrn_reflns_shell.chi_squared 
_pdbx_diffrn_reflns_shell.redundancy 
_pdbx_diffrn_reflns_shell.percent_possible_obs 
1 5.86 50.00 ? ? 0.051 ? 7.476  7.20 95.60  
1 4.65 5.86  ? ? 0.058 ? 6.234  7.40 99.60  
1 4.06 4.65  ? ? 0.068 ? 5.621  7.50 100.00 
1 3.69 4.06  ? ? 0.086 ? 6.582  7.60 100.00 
1 3.43 3.69  ? ? 0.104 ? 11.747 7.40 99.80  
1 3.22 3.43  ? ? 0.131 ? 18.266 7.00 92.90  
1 3.06 3.22  ? ? 0.122 ? 4.150  6.00 99.80  
1 2.93 3.06  ? ? 0.135 ? 1.964  5.00 94.30  
1 2.82 2.93  ? ? 0.139 ? 1.461  3.90 86.30  
1 2.72 2.82  ? ? 0.176 ? 1.537  3.10 73.60  
# 
loop_
_pdbx_phasing_MAD_set.id 
_pdbx_phasing_MAD_set.d_res_low 
_pdbx_phasing_MAD_set.d_res_high 
_pdbx_phasing_MAD_set.reflns_acentric 
_pdbx_phasing_MAD_set.reflns_centric 
_pdbx_phasing_MAD_set.power_acentric 
_pdbx_phasing_MAD_set.power_centric 
ISO_1 33.19 2.72 1887 442 0.000 0.000 
ANO_1 33.19 2.72 1839 0   3.830 0.000 
# 
loop_
_pdbx_phasing_MAD_set_shell.id 
_pdbx_phasing_MAD_set_shell.d_res_low 
_pdbx_phasing_MAD_set_shell.d_res_high 
_pdbx_phasing_MAD_set_shell.reflns_acentric 
_pdbx_phasing_MAD_set_shell.reflns_centric 
_pdbx_phasing_MAD_set_shell.power_acentric 
_pdbx_phasing_MAD_set_shell.power_centric 
ISO_1 33.19 7.96 58  45 0.000 0.000 
ISO_1 7.96  5.71 125 50 0.000 0.000 
ISO_1 5.71  4.68 172 49 0.000 0.000 
ISO_1 4.68  4.07 202 52 0.000 0.000 
ISO_1 4.07  3.64 231 51 0.000 0.000 
ISO_1 3.64  3.33 258 44 0.000 0.000 
ISO_1 3.33  3.08 268 54 0.000 0.000 
ISO_1 3.08  2.89 297 45 0.000 0.000 
ISO_1 2.89  2.72 276 52 0.000 0.000 
ANO_1 33.19 7.96 55  0  8.335 0.000 
ANO_1 7.96  5.71 125 0  6.431 0.000 
ANO_1 5.71  4.68 172 0  4.666 0.000 
ANO_1 4.68  4.07 202 0  3.548 0.000 
ANO_1 4.07  3.64 231 0  2.812 0.000 
ANO_1 3.64  3.33 257 0  2.297 0.000 
ANO_1 3.33  3.08 267 0  1.815 0.000 
ANO_1 3.08  2.89 286 0  1.425 0.000 
ANO_1 2.89  2.72 244 0  0.991 0.000 
# 
_pdbx_phasing_MAD_set_site.id                 1 
_pdbx_phasing_MAD_set_site.atom_type_symbol   PT 
_pdbx_phasing_MAD_set_site.Cartn_x            69.835 
_pdbx_phasing_MAD_set_site.Cartn_y            -14.311 
_pdbx_phasing_MAD_set_site.Cartn_z            2.462 
_pdbx_phasing_MAD_set_site.occupancy          0.91 
_pdbx_phasing_MAD_set_site.b_iso              86.63 
# 
_phasing.method   SAD 
# 
_pdbx_entry_details.entry_id                 3CO3 
_pdbx_entry_details.nonpolymer_details       'C7P IS AN ANTITUMOR AGENT BOUND TO DG 7 A.' 
_pdbx_entry_details.compound_details         ? 
_pdbx_entry_details.source_details           ? 
_pdbx_entry_details.sequence_details         ? 
_pdbx_entry_details.has_ligand_of_interest   ? 
# 
loop_
_chem_comp_atom.comp_id 
_chem_comp_atom.atom_id 
_chem_comp_atom.type_symbol 
_chem_comp_atom.pdbx_aromatic_flag 
_chem_comp_atom.pdbx_stereo_config 
_chem_comp_atom.pdbx_ordinal 
C7P N1     N  Y N 1   
C7P C1     C  Y N 2   
C7P C2     C  Y N 3   
C7P C3     C  Y N 4   
C7P C4     C  Y N 5   
C7P C5     C  Y N 6   
C7P PT1    PT N N 7   
C7P N2     N  N N 8   
C7P N3     N  N N 9   
C7P H2     H  N N 10  
C7P H3     H  N N 11  
C7P H4     H  N N 12  
C7P H5     H  N N 13  
C7P H6     H  N N 14  
C7P CL1    CL N N 15  
C7P HN     H  N N 16  
C7P HNA    H  N N 17  
C7P HNB    H  N N 18  
C7P HNC    H  N N 19  
C7P HND    H  N N 20  
C7P HNE    H  N N 21  
DA  OP3    O  N N 22  
DA  P      P  N N 23  
DA  OP1    O  N N 24  
DA  OP2    O  N N 25  
DA  "O5'"  O  N N 26  
DA  "C5'"  C  N N 27  
DA  "C4'"  C  N R 28  
DA  "O4'"  O  N N 29  
DA  "C3'"  C  N S 30  
DA  "O3'"  O  N N 31  
DA  "C2'"  C  N N 32  
DA  "C1'"  C  N R 33  
DA  N9     N  Y N 34  
DA  C8     C  Y N 35  
DA  N7     N  Y N 36  
DA  C5     C  Y N 37  
DA  C6     C  Y N 38  
DA  N6     N  N N 39  
DA  N1     N  Y N 40  
DA  C2     C  Y N 41  
DA  N3     N  Y N 42  
DA  C4     C  Y N 43  
DA  HOP3   H  N N 44  
DA  HOP2   H  N N 45  
DA  "H5'"  H  N N 46  
DA  "H5''" H  N N 47  
DA  "H4'"  H  N N 48  
DA  "H3'"  H  N N 49  
DA  "HO3'" H  N N 50  
DA  "H2'"  H  N N 51  
DA  "H2''" H  N N 52  
DA  "H1'"  H  N N 53  
DA  H8     H  N N 54  
DA  H61    H  N N 55  
DA  H62    H  N N 56  
DA  H2     H  N N 57  
DC  OP3    O  N N 58  
DC  P      P  N N 59  
DC  OP1    O  N N 60  
DC  OP2    O  N N 61  
DC  "O5'"  O  N N 62  
DC  "C5'"  C  N N 63  
DC  "C4'"  C  N R 64  
DC  "O4'"  O  N N 65  
DC  "C3'"  C  N S 66  
DC  "O3'"  O  N N 67  
DC  "C2'"  C  N N 68  
DC  "C1'"  C  N R 69  
DC  N1     N  N N 70  
DC  C2     C  N N 71  
DC  O2     O  N N 72  
DC  N3     N  N N 73  
DC  C4     C  N N 74  
DC  N4     N  N N 75  
DC  C5     C  N N 76  
DC  C6     C  N N 77  
DC  HOP3   H  N N 78  
DC  HOP2   H  N N 79  
DC  "H5'"  H  N N 80  
DC  "H5''" H  N N 81  
DC  "H4'"  H  N N 82  
DC  "H3'"  H  N N 83  
DC  "HO3'" H  N N 84  
DC  "H2'"  H  N N 85  
DC  "H2''" H  N N 86  
DC  "H1'"  H  N N 87  
DC  H41    H  N N 88  
DC  H42    H  N N 89  
DC  H5     H  N N 90  
DC  H6     H  N N 91  
DG  OP3    O  N N 92  
DG  P      P  N N 93  
DG  OP1    O  N N 94  
DG  OP2    O  N N 95  
DG  "O5'"  O  N N 96  
DG  "C5'"  C  N N 97  
DG  "C4'"  C  N R 98  
DG  "O4'"  O  N N 99  
DG  "C3'"  C  N S 100 
DG  "O3'"  O  N N 101 
DG  "C2'"  C  N N 102 
DG  "C1'"  C  N R 103 
DG  N9     N  Y N 104 
DG  C8     C  Y N 105 
DG  N7     N  Y N 106 
DG  C5     C  Y N 107 
DG  C6     C  N N 108 
DG  O6     O  N N 109 
DG  N1     N  N N 110 
DG  C2     C  N N 111 
DG  N2     N  N N 112 
DG  N3     N  N N 113 
DG  C4     C  Y N 114 
DG  HOP3   H  N N 115 
DG  HOP2   H  N N 116 
DG  "H5'"  H  N N 117 
DG  "H5''" H  N N 118 
DG  "H4'"  H  N N 119 
DG  "H3'"  H  N N 120 
DG  "HO3'" H  N N 121 
DG  "H2'"  H  N N 122 
DG  "H2''" H  N N 123 
DG  "H1'"  H  N N 124 
DG  H8     H  N N 125 
DG  H1     H  N N 126 
DG  H21    H  N N 127 
DG  H22    H  N N 128 
DT  OP3    O  N N 129 
DT  P      P  N N 130 
DT  OP1    O  N N 131 
DT  OP2    O  N N 132 
DT  "O5'"  O  N N 133 
DT  "C5'"  C  N N 134 
DT  "C4'"  C  N R 135 
DT  "O4'"  O  N N 136 
DT  "C3'"  C  N S 137 
DT  "O3'"  O  N N 138 
DT  "C2'"  C  N N 139 
DT  "C1'"  C  N R 140 
DT  N1     N  N N 141 
DT  C2     C  N N 142 
DT  O2     O  N N 143 
DT  N3     N  N N 144 
DT  C4     C  N N 145 
DT  O4     O  N N 146 
DT  C5     C  N N 147 
DT  C7     C  N N 148 
DT  C6     C  N N 149 
DT  HOP3   H  N N 150 
DT  HOP2   H  N N 151 
DT  "H5'"  H  N N 152 
DT  "H5''" H  N N 153 
DT  "H4'"  H  N N 154 
DT  "H3'"  H  N N 155 
DT  "HO3'" H  N N 156 
DT  "H2'"  H  N N 157 
DT  "H2''" H  N N 158 
DT  "H1'"  H  N N 159 
DT  H3     H  N N 160 
DT  H71    H  N N 161 
DT  H72    H  N N 162 
DT  H73    H  N N 163 
DT  H6     H  N N 164 
HOH O      O  N N 165 
HOH H1     H  N N 166 
HOH H2     H  N N 167 
# 
loop_
_chem_comp_bond.comp_id 
_chem_comp_bond.atom_id_1 
_chem_comp_bond.atom_id_2 
_chem_comp_bond.value_order 
_chem_comp_bond.pdbx_aromatic_flag 
_chem_comp_bond.pdbx_stereo_config 
_chem_comp_bond.pdbx_ordinal 
C7P N1    C1     doub Y N 1   
C7P N1    C5     sing Y N 2   
C7P C1    C2     sing Y N 3   
C7P C1    H2     sing N N 4   
C7P C2    C3     doub Y N 5   
C7P C2    H3     sing N N 6   
C7P C3    C4     sing Y N 7   
C7P C3    H4     sing N N 8   
C7P C4    C5     doub Y N 9   
C7P C4    H5     sing N N 10  
C7P C5    H6     sing N N 11  
C7P N1    PT1    sing N N 12  
C7P PT1   CL1    sing N N 13  
C7P PT1   N3     sing N N 14  
C7P PT1   N2     sing N N 15  
C7P N2    HN     sing N N 16  
C7P N2    HNA    sing N N 17  
C7P N3    HNB    sing N N 18  
C7P N3    HNC    sing N N 19  
C7P N2    HND    sing N N 20  
C7P N3    HNE    sing N N 21  
DA  OP3   P      sing N N 22  
DA  OP3   HOP3   sing N N 23  
DA  P     OP1    doub N N 24  
DA  P     OP2    sing N N 25  
DA  P     "O5'"  sing N N 26  
DA  OP2   HOP2   sing N N 27  
DA  "O5'" "C5'"  sing N N 28  
DA  "C5'" "C4'"  sing N N 29  
DA  "C5'" "H5'"  sing N N 30  
DA  "C5'" "H5''" sing N N 31  
DA  "C4'" "O4'"  sing N N 32  
DA  "C4'" "C3'"  sing N N 33  
DA  "C4'" "H4'"  sing N N 34  
DA  "O4'" "C1'"  sing N N 35  
DA  "C3'" "O3'"  sing N N 36  
DA  "C3'" "C2'"  sing N N 37  
DA  "C3'" "H3'"  sing N N 38  
DA  "O3'" "HO3'" sing N N 39  
DA  "C2'" "C1'"  sing N N 40  
DA  "C2'" "H2'"  sing N N 41  
DA  "C2'" "H2''" sing N N 42  
DA  "C1'" N9     sing N N 43  
DA  "C1'" "H1'"  sing N N 44  
DA  N9    C8     sing Y N 45  
DA  N9    C4     sing Y N 46  
DA  C8    N7     doub Y N 47  
DA  C8    H8     sing N N 48  
DA  N7    C5     sing Y N 49  
DA  C5    C6     sing Y N 50  
DA  C5    C4     doub Y N 51  
DA  C6    N6     sing N N 52  
DA  C6    N1     doub Y N 53  
DA  N6    H61    sing N N 54  
DA  N6    H62    sing N N 55  
DA  N1    C2     sing Y N 56  
DA  C2    N3     doub Y N 57  
DA  C2    H2     sing N N 58  
DA  N3    C4     sing Y N 59  
DC  OP3   P      sing N N 60  
DC  OP3   HOP3   sing N N 61  
DC  P     OP1    doub N N 62  
DC  P     OP2    sing N N 63  
DC  P     "O5'"  sing N N 64  
DC  OP2   HOP2   sing N N 65  
DC  "O5'" "C5'"  sing N N 66  
DC  "C5'" "C4'"  sing N N 67  
DC  "C5'" "H5'"  sing N N 68  
DC  "C5'" "H5''" sing N N 69  
DC  "C4'" "O4'"  sing N N 70  
DC  "C4'" "C3'"  sing N N 71  
DC  "C4'" "H4'"  sing N N 72  
DC  "O4'" "C1'"  sing N N 73  
DC  "C3'" "O3'"  sing N N 74  
DC  "C3'" "C2'"  sing N N 75  
DC  "C3'" "H3'"  sing N N 76  
DC  "O3'" "HO3'" sing N N 77  
DC  "C2'" "C1'"  sing N N 78  
DC  "C2'" "H2'"  sing N N 79  
DC  "C2'" "H2''" sing N N 80  
DC  "C1'" N1     sing N N 81  
DC  "C1'" "H1'"  sing N N 82  
DC  N1    C2     sing N N 83  
DC  N1    C6     sing N N 84  
DC  C2    O2     doub N N 85  
DC  C2    N3     sing N N 86  
DC  N3    C4     doub N N 87  
DC  C4    N4     sing N N 88  
DC  C4    C5     sing N N 89  
DC  N4    H41    sing N N 90  
DC  N4    H42    sing N N 91  
DC  C5    C6     doub N N 92  
DC  C5    H5     sing N N 93  
DC  C6    H6     sing N N 94  
DG  OP3   P      sing N N 95  
DG  OP3   HOP3   sing N N 96  
DG  P     OP1    doub N N 97  
DG  P     OP2    sing N N 98  
DG  P     "O5'"  sing N N 99  
DG  OP2   HOP2   sing N N 100 
DG  "O5'" "C5'"  sing N N 101 
DG  "C5'" "C4'"  sing N N 102 
DG  "C5'" "H5'"  sing N N 103 
DG  "C5'" "H5''" sing N N 104 
DG  "C4'" "O4'"  sing N N 105 
DG  "C4'" "C3'"  sing N N 106 
DG  "C4'" "H4'"  sing N N 107 
DG  "O4'" "C1'"  sing N N 108 
DG  "C3'" "O3'"  sing N N 109 
DG  "C3'" "C2'"  sing N N 110 
DG  "C3'" "H3'"  sing N N 111 
DG  "O3'" "HO3'" sing N N 112 
DG  "C2'" "C1'"  sing N N 113 
DG  "C2'" "H2'"  sing N N 114 
DG  "C2'" "H2''" sing N N 115 
DG  "C1'" N9     sing N N 116 
DG  "C1'" "H1'"  sing N N 117 
DG  N9    C8     sing Y N 118 
DG  N9    C4     sing Y N 119 
DG  C8    N7     doub Y N 120 
DG  C8    H8     sing N N 121 
DG  N7    C5     sing Y N 122 
DG  C5    C6     sing N N 123 
DG  C5    C4     doub Y N 124 
DG  C6    O6     doub N N 125 
DG  C6    N1     sing N N 126 
DG  N1    C2     sing N N 127 
DG  N1    H1     sing N N 128 
DG  C2    N2     sing N N 129 
DG  C2    N3     doub N N 130 
DG  N2    H21    sing N N 131 
DG  N2    H22    sing N N 132 
DG  N3    C4     sing N N 133 
DT  OP3   P      sing N N 134 
DT  OP3   HOP3   sing N N 135 
DT  P     OP1    doub N N 136 
DT  P     OP2    sing N N 137 
DT  P     "O5'"  sing N N 138 
DT  OP2   HOP2   sing N N 139 
DT  "O5'" "C5'"  sing N N 140 
DT  "C5'" "C4'"  sing N N 141 
DT  "C5'" "H5'"  sing N N 142 
DT  "C5'" "H5''" sing N N 143 
DT  "C4'" "O4'"  sing N N 144 
DT  "C4'" "C3'"  sing N N 145 
DT  "C4'" "H4'"  sing N N 146 
DT  "O4'" "C1'"  sing N N 147 
DT  "C3'" "O3'"  sing N N 148 
DT  "C3'" "C2'"  sing N N 149 
DT  "C3'" "H3'"  sing N N 150 
DT  "O3'" "HO3'" sing N N 151 
DT  "C2'" "C1'"  sing N N 152 
DT  "C2'" "H2'"  sing N N 153 
DT  "C2'" "H2''" sing N N 154 
DT  "C1'" N1     sing N N 155 
DT  "C1'" "H1'"  sing N N 156 
DT  N1    C2     sing N N 157 
DT  N1    C6     sing N N 158 
DT  C2    O2     doub N N 159 
DT  C2    N3     sing N N 160 
DT  N3    C4     sing N N 161 
DT  N3    H3     sing N N 162 
DT  C4    O4     doub N N 163 
DT  C4    C5     sing N N 164 
DT  C5    C7     sing N N 165 
DT  C5    C6     doub N N 166 
DT  C7    H71    sing N N 167 
DT  C7    H72    sing N N 168 
DT  C7    H73    sing N N 169 
DT  C6    H6     sing N N 170 
HOH O     H1     sing N N 171 
HOH O     H2     sing N N 172 
# 
_ndb_struct_conf_na.entry_id   3CO3 
_ndb_struct_conf_na.feature    'b-form double helix' 
# 
loop_
_ndb_struct_na_base_pair.model_number 
_ndb_struct_na_base_pair.i_label_asym_id 
_ndb_struct_na_base_pair.i_label_comp_id 
_ndb_struct_na_base_pair.i_label_seq_id 
_ndb_struct_na_base_pair.i_symmetry 
_ndb_struct_na_base_pair.j_label_asym_id 
_ndb_struct_na_base_pair.j_label_comp_id 
_ndb_struct_na_base_pair.j_label_seq_id 
_ndb_struct_na_base_pair.j_symmetry 
_ndb_struct_na_base_pair.shear 
_ndb_struct_na_base_pair.stretch 
_ndb_struct_na_base_pair.stagger 
_ndb_struct_na_base_pair.buckle 
_ndb_struct_na_base_pair.propeller 
_ndb_struct_na_base_pair.opening 
_ndb_struct_na_base_pair.pair_number 
_ndb_struct_na_base_pair.pair_name 
_ndb_struct_na_base_pair.i_auth_asym_id 
_ndb_struct_na_base_pair.i_auth_seq_id 
_ndb_struct_na_base_pair.i_PDB_ins_code 
_ndb_struct_na_base_pair.j_auth_asym_id 
_ndb_struct_na_base_pair.j_auth_seq_id 
_ndb_struct_na_base_pair.j_PDB_ins_code 
_ndb_struct_na_base_pair.hbond_type_28 
_ndb_struct_na_base_pair.hbond_type_12 
1 A DC 1  1_555 B DG 12 1_555 0.037  -0.123 0.450  -1.995 -11.085 -1.099 1  A_DC1:DG24_B  A 1  ? B 24 ? 19 1 
1 A DC 2  1_555 B DG 11 1_555 0.430  0.026  0.693  -8.956 -14.959 1.297  2  A_DC2:DG23_B  A 2  ? B 23 ? 19 1 
1 A DT 3  1_555 B DA 10 1_555 0.311  0.027  0.368  -1.910 -18.187 -0.076 3  A_DT3:DA22_B  A 3  ? B 22 ? 20 1 
1 A DC 4  1_555 B DG 9  1_555 0.608  0.056  0.045  -0.832 -18.015 1.669  4  A_DC4:DG21_B  A 4  ? B 21 ? 19 1 
1 A DT 5  1_555 B DA 8  1_555 -0.235 -0.080 0.055  -0.187 -18.746 -1.203 5  A_DT5:DA20_B  A 5  ? B 20 ? 20 1 
1 A DC 6  1_555 B DG 7  1_555 0.221  -0.104 0.064  -4.614 -14.216 -0.988 6  A_DC6:DG19_B  A 6  ? B 19 ? 19 1 
1 A DG 7  1_555 B DC 6  1_555 0.051  -0.083 -0.108 -3.876 -13.145 -0.840 7  A_DG7:DC18_B  A 7  ? B 18 ? 19 1 
1 A DT 8  1_555 B DA 5  1_555 -0.112 0.127  0.059  -2.093 -15.075 -0.957 8  A_DT8:DA17_B  A 8  ? B 17 ? 20 1 
1 A DC 9  1_555 B DG 4  1_555 -0.009 -0.168 -0.034 -1.447 -13.420 -2.329 9  A_DC9:DG16_B  A 9  ? B 16 ? 19 1 
1 A DT 10 1_555 B DA 3  1_555 -0.238 -0.058 -0.029 4.784  -16.267 1.330  10 A_DT10:DA15_B A 10 ? B 15 ? 20 1 
1 A DC 11 1_555 B DG 2  1_555 -0.235 0.029  0.146  -1.952 -9.496  -0.239 11 A_DC11:DG14_B A 11 ? B 14 ? 19 1 
1 A DC 12 1_555 B DG 1  1_555 0.340  0.060  0.521  -5.340 -8.096  -0.269 12 A_DC12:DG13_B A 12 ? B 13 ? 19 1 
# 
loop_
_ndb_struct_na_base_pair_step.model_number 
_ndb_struct_na_base_pair_step.i_label_asym_id_1 
_ndb_struct_na_base_pair_step.i_label_comp_id_1 
_ndb_struct_na_base_pair_step.i_label_seq_id_1 
_ndb_struct_na_base_pair_step.i_symmetry_1 
_ndb_struct_na_base_pair_step.j_label_asym_id_1 
_ndb_struct_na_base_pair_step.j_label_comp_id_1 
_ndb_struct_na_base_pair_step.j_label_seq_id_1 
_ndb_struct_na_base_pair_step.j_symmetry_1 
_ndb_struct_na_base_pair_step.i_label_asym_id_2 
_ndb_struct_na_base_pair_step.i_label_comp_id_2 
_ndb_struct_na_base_pair_step.i_label_seq_id_2 
_ndb_struct_na_base_pair_step.i_symmetry_2 
_ndb_struct_na_base_pair_step.j_label_asym_id_2 
_ndb_struct_na_base_pair_step.j_label_comp_id_2 
_ndb_struct_na_base_pair_step.j_label_seq_id_2 
_ndb_struct_na_base_pair_step.j_symmetry_2 
_ndb_struct_na_base_pair_step.shift 
_ndb_struct_na_base_pair_step.slide 
_ndb_struct_na_base_pair_step.rise 
_ndb_struct_na_base_pair_step.tilt 
_ndb_struct_na_base_pair_step.roll 
_ndb_struct_na_base_pair_step.twist 
_ndb_struct_na_base_pair_step.x_displacement 
_ndb_struct_na_base_pair_step.y_displacement 
_ndb_struct_na_base_pair_step.helical_rise 
_ndb_struct_na_base_pair_step.inclination 
_ndb_struct_na_base_pair_step.tip 
_ndb_struct_na_base_pair_step.helical_twist 
_ndb_struct_na_base_pair_step.step_number 
_ndb_struct_na_base_pair_step.step_name 
_ndb_struct_na_base_pair_step.i_auth_asym_id_1 
_ndb_struct_na_base_pair_step.i_auth_seq_id_1 
_ndb_struct_na_base_pair_step.i_PDB_ins_code_1 
_ndb_struct_na_base_pair_step.j_auth_asym_id_1 
_ndb_struct_na_base_pair_step.j_auth_seq_id_1 
_ndb_struct_na_base_pair_step.j_PDB_ins_code_1 
_ndb_struct_na_base_pair_step.i_auth_asym_id_2 
_ndb_struct_na_base_pair_step.i_auth_seq_id_2 
_ndb_struct_na_base_pair_step.i_PDB_ins_code_2 
_ndb_struct_na_base_pair_step.j_auth_asym_id_2 
_ndb_struct_na_base_pair_step.j_auth_seq_id_2 
_ndb_struct_na_base_pair_step.j_PDB_ins_code_2 
1 A DC 1  1_555 B DG 12 1_555 A DC 2  1_555 B DG 11 1_555 -0.516 -0.184 3.526 -3.175 1.539  36.893 -0.514 0.352  3.546 2.425  
5.002  37.055 1  AA_DC1DC2:DG23DG24_BB   A 1  ? B 24 ? A 2  ? B 23 ? 
1 A DC 2  1_555 B DG 11 1_555 A DT 3  1_555 B DA 10 1_555 -0.398 0.281  3.175 1.618  1.150  30.962 0.312  1.046  3.159 2.151  
-3.026 31.024 2  AA_DC2DT3:DA22DG23_BB   A 2  ? B 23 ? A 3  ? B 22 ? 
1 A DT 3  1_555 B DA 10 1_555 A DC 4  1_555 B DG 9  1_555 0.613  0.895  3.287 3.693  -1.202 41.301 1.392  -0.469 3.302 -1.699 
-5.221 41.475 3  AA_DT3DC4:DG21DA22_BB   A 3  ? B 22 ? A 4  ? B 21 ? 
1 A DC 4  1_555 B DG 9  1_555 A DT 5  1_555 B DA 8  1_555 -0.989 0.169  3.322 -1.849 5.187  27.923 -0.882 1.576  3.355 10.619 
3.785  28.451 4  AA_DC4DT5:DA20DG21_BB   A 4  ? B 21 ? A 5  ? B 20 ? 
1 A DT 5  1_555 B DA 8  1_555 A DC 6  1_555 B DG 7  1_555 0.362  0.255  3.459 2.239  1.269  39.436 0.218  -0.256 3.480 1.878  
-3.314 39.517 5  AA_DT5DC6:DG19DA20_BB   A 5  ? B 20 ? A 6  ? B 19 ? 
1 A DC 6  1_555 B DG 7  1_555 A DG 7  1_555 B DC 6  1_555 1.150  0.815  3.424 5.772  1.723  33.344 1.099  -0.968 3.603 2.973  
-9.958 33.869 6  AA_DC6DG7:DC18DG19_BB   A 6  ? B 19 ? A 7  ? B 18 ? 
1 A DG 7  1_555 B DC 6  1_555 A DT 8  1_555 B DA 5  1_555 -0.911 -0.460 3.270 -2.580 2.925  31.020 -1.410 1.199  3.277 5.441  
4.801  31.259 7  AA_DG7DT8:DA17DC18_BB   A 7  ? B 18 ? A 8  ? B 17 ? 
1 A DT 8  1_555 B DA 5  1_555 A DC 9  1_555 B DG 4  1_555 0.505  0.297  3.205 2.078  2.351  40.959 0.171  -0.498 3.237 3.354  
-2.965 41.073 8  AA_DT8DC9:DG16DA17_BB   A 8  ? B 17 ? A 9  ? B 16 ? 
1 A DC 9  1_555 B DG 4  1_555 A DT 10 1_555 B DA 3  1_555 -0.315 0.130  3.249 -0.342 4.130  28.387 -0.666 0.560  3.238 8.365  
0.693  28.682 9  AA_DC9DT10:DA15DG16_BB  A 9  ? B 16 ? A 10 ? B 15 ? 
1 A DT 10 1_555 B DA 3  1_555 A DC 11 1_555 B DG 2  1_555 0.960  0.674  3.397 3.507  4.447  39.353 0.443  -0.979 3.519 6.562  
-5.175 39.743 10 AA_DT10DC11:DG14DA15_BB A 10 ? B 15 ? A 11 ? B 14 ? 
1 A DC 11 1_555 B DG 2  1_555 A DC 12 1_555 B DG 1  1_555 -0.003 0.110  3.498 -3.486 -1.526 40.037 0.344  -0.418 3.480 -2.222 
5.077  40.210 11 AA_DC11DC12:DG13DG14_BB A 11 ? B 14 ? A 12 ? B 13 ? 
# 
_atom_sites.entry_id                    3CO3 
_atom_sites.fract_transf_matrix[1][1]   -0.01776508 
_atom_sites.fract_transf_matrix[1][2]   0.00730877 
_atom_sites.fract_transf_matrix[1][3]   -0.00972902 
_atom_sites.fract_transf_matrix[2][1]   -0.00819411 
_atom_sites.fract_transf_matrix[2][2]   -0.00367820 
_atom_sites.fract_transf_matrix[2][3]   0.01219917 
_atom_sites.fract_transf_matrix[3][1]   0.00291927 
_atom_sites.fract_transf_matrix[3][2]   0.01621314 
_atom_sites.fract_transf_matrix[3][3]   0.00684931 
_atom_sites.fract_transf_vector[1]      1.737459 
_atom_sites.fract_transf_vector[2]      0.551134 
_atom_sites.fract_transf_vector[3]      0.139205 
# 
loop_
_atom_type.symbol 
C  
N  
O  
P  
PT 
# 
loop_
_atom_site.group_PDB 
_atom_site.id 
_atom_site.type_symbol 
_atom_site.label_atom_id 
_atom_site.label_alt_id 
_atom_site.label_comp_id 
_atom_site.label_asym_id 
_atom_site.label_entity_id 
_atom_site.label_seq_id 
_atom_site.pdbx_PDB_ins_code 
_atom_site.Cartn_x 
_atom_site.Cartn_y 
_atom_site.Cartn_z 
_atom_site.occupancy 
_atom_site.B_iso_or_equiv 
_atom_site.pdbx_formal_charge 
_atom_site.auth_seq_id 
_atom_site.auth_comp_id 
_atom_site.auth_asym_id 
_atom_site.auth_atom_id 
_atom_site.pdbx_PDB_model_num 
ATOM   1   O  "O5'" . DC  A 1 1  ? 8.935   -9.856  17.446  1.00 47.74 ? 1  DC  A "O5'" 1 
ATOM   2   C  "C5'" . DC  A 1 1  ? 9.238   -10.033 16.060  1.00 46.84 ? 1  DC  A "C5'" 1 
ATOM   3   C  "C4'" . DC  A 1 1  ? 8.220   -10.979 15.464  1.00 27.09 ? 1  DC  A "C4'" 1 
ATOM   4   O  "O4'" . DC  A 1 1  ? 6.933   -10.559 15.949  1.00 34.44 ? 1  DC  A "O4'" 1 
ATOM   5   C  "C3'" . DC  A 1 1  ? 8.052   -10.941 13.958  1.00 48.15 ? 1  DC  A "C3'" 1 
ATOM   6   O  "O3'" . DC  A 1 1  ? 7.351   -12.121 13.569  1.00 50.69 ? 1  DC  A "O3'" 1 
ATOM   7   C  "C2'" . DC  A 1 1  ? 7.189   -9.694  13.774  1.00 37.21 ? 1  DC  A "C2'" 1 
ATOM   8   C  "C1'" . DC  A 1 1  ? 6.230   -9.873  14.940  1.00 33.61 ? 1  DC  A "C1'" 1 
ATOM   9   N  N1    . DC  A 1 1  ? 5.680   -8.613  15.498  1.00 28.65 ? 1  DC  A N1    1 
ATOM   10  C  C2    . DC  A 1 1  ? 4.309   -8.531  15.687  1.00 29.31 ? 1  DC  A C2    1 
ATOM   11  O  O2    . DC  A 1 1  ? 3.619   -9.505  15.399  1.00 29.58 ? 1  DC  A O2    1 
ATOM   12  N  N3    . DC  A 1 1  ? 3.769   -7.397  16.186  1.00 34.77 ? 1  DC  A N3    1 
ATOM   13  C  C4    . DC  A 1 1  ? 4.547   -6.362  16.480  1.00 37.70 ? 1  DC  A C4    1 
ATOM   14  N  N4    . DC  A 1 1  ? 3.948   -5.269  16.972  1.00 36.01 ? 1  DC  A N4    1 
ATOM   15  C  C5    . DC  A 1 1  ? 5.960   -6.416  16.299  1.00 30.34 ? 1  DC  A C5    1 
ATOM   16  C  C6    . DC  A 1 1  ? 6.481   -7.550  15.806  1.00 38.29 ? 1  DC  A C6    1 
ATOM   17  P  P     . DC  A 1 2  ? 7.419   -12.606 12.051  1.00 58.33 ? 2  DC  A P     1 
ATOM   18  O  OP1   . DC  A 1 2  ? 8.083   -13.933 12.050  1.00 53.02 ? 2  DC  A OP1   1 
ATOM   19  O  OP2   . DC  A 1 2  ? 7.970   -11.482 11.267  1.00 51.20 ? 2  DC  A OP2   1 
ATOM   20  O  "O5'" . DC  A 1 2  ? 5.882   -12.752 11.647  1.00 42.88 ? 2  DC  A "O5'" 1 
ATOM   21  C  "C5'" . DC  A 1 2  ? 4.918   -13.083 12.629  1.00 45.47 ? 2  DC  A "C5'" 1 
ATOM   22  C  "C4'" . DC  A 1 2  ? 3.513   -12.824 12.117  1.00 45.12 ? 2  DC  A "C4'" 1 
ATOM   23  O  "O4'" . DC  A 1 2  ? 3.056   -11.531 12.592  1.00 39.79 ? 2  DC  A "O4'" 1 
ATOM   24  C  "C3'" . DC  A 1 2  ? 3.378   -12.790 10.598  1.00 49.96 ? 2  DC  A "C3'" 1 
ATOM   25  O  "O3'" . DC  A 1 2  ? 2.152   -13.424 10.220  1.00 59.00 ? 2  DC  A "O3'" 1 
ATOM   26  C  "C2'" . DC  A 1 2  ? 3.377   -11.291 10.298  1.00 39.31 ? 2  DC  A "C2'" 1 
ATOM   27  C  "C1'" . DC  A 1 2  ? 2.621   -10.739 11.506  1.00 39.58 ? 2  DC  A "C1'" 1 
ATOM   28  N  N1    . DC  A 1 2  ? 2.958   -9.330  11.885  1.00 35.48 ? 2  DC  A N1    1 
ATOM   29  C  C2    . DC  A 1 2  ? 1.950   -8.442  12.271  1.00 33.54 ? 2  DC  A C2    1 
ATOM   30  O  O2    . DC  A 1 2  ? 0.769   -8.810  12.273  1.00 41.20 ? 2  DC  A O2    1 
ATOM   31  N  N3    . DC  A 1 2  ? 2.292   -7.186  12.630  1.00 37.53 ? 2  DC  A N3    1 
ATOM   32  C  C4    . DC  A 1 2  ? 3.567   -6.816  12.638  1.00 33.43 ? 2  DC  A C4    1 
ATOM   33  N  N4    . DC  A 1 2  ? 3.845   -5.564  13.008  1.00 41.86 ? 2  DC  A N4    1 
ATOM   34  C  C5    . DC  A 1 2  ? 4.609   -7.701  12.239  1.00 42.84 ? 2  DC  A C5    1 
ATOM   35  C  C6    . DC  A 1 2  ? 4.264   -8.940  11.881  1.00 41.44 ? 2  DC  A C6    1 
ATOM   36  P  P     . DT  A 1 3  ? 1.803   -13.737 8.684   1.00 62.46 ? 3  DT  A P     1 
ATOM   37  O  OP1   . DT  A 1 3  ? 1.347   -15.142 8.605   1.00 60.85 ? 3  DT  A OP1   1 
ATOM   38  O  OP2   . DT  A 1 3  ? 2.924   -13.271 7.839   1.00 60.77 ? 3  DT  A OP2   1 
ATOM   39  O  "O5'" . DT  A 1 3  ? 0.559   -12.774 8.412   1.00 55.75 ? 3  DT  A "O5'" 1 
ATOM   40  C  "C5'" . DT  A 1 3  ? -0.637  -12.940 9.156   1.00 53.84 ? 3  DT  A "C5'" 1 
ATOM   41  C  "C4'" . DT  A 1 3  ? -1.558  -11.763 8.909   1.00 56.30 ? 3  DT  A "C4'" 1 
ATOM   42  O  "O4'" . DT  A 1 3  ? -0.946  -10.529 9.369   1.00 50.38 ? 3  DT  A "O4'" 1 
ATOM   43  C  "C3'" . DT  A 1 3  ? -1.896  -11.505 7.447   1.00 55.09 ? 3  DT  A "C3'" 1 
ATOM   44  O  "O3'" . DT  A 1 3  ? -3.207  -11.003 7.446   1.00 64.91 ? 3  DT  A "O3'" 1 
ATOM   45  C  "C2'" . DT  A 1 3  ? -0.909  -10.408 7.052   1.00 50.38 ? 3  DT  A "C2'" 1 
ATOM   46  C  "C1'" . DT  A 1 3  ? -0.975  -9.578  8.325   1.00 42.77 ? 3  DT  A "C1'" 1 
ATOM   47  N  N1    . DT  A 1 3  ? 0.107   -8.574  8.563   1.00 37.96 ? 3  DT  A N1    1 
ATOM   48  C  C2    . DT  A 1 3  ? -0.241  -7.409  9.204   1.00 37.66 ? 3  DT  A C2    1 
ATOM   49  O  O2    . DT  A 1 3  ? -1.382  -7.173  9.557   1.00 39.80 ? 3  DT  A O2    1 
ATOM   50  N  N3    . DT  A 1 3  ? 0.785   -6.530  9.408   1.00 35.68 ? 3  DT  A N3    1 
ATOM   51  C  C4    . DT  A 1 3  ? 2.104   -6.699  9.042   1.00 39.53 ? 3  DT  A C4    1 
ATOM   52  O  O4    . DT  A 1 3  ? 2.959   -5.857  9.274   1.00 43.70 ? 3  DT  A O4    1 
ATOM   53  C  C5    . DT  A 1 3  ? 2.411   -7.946  8.384   1.00 37.69 ? 3  DT  A C5    1 
ATOM   54  C  C7    . DT  A 1 3  ? 3.842   -8.306  8.112   1.00 38.99 ? 3  DT  A C7    1 
ATOM   55  C  C6    . DT  A 1 3  ? 1.409   -8.812  8.176   1.00 35.56 ? 3  DT  A C6    1 
ATOM   56  P  P     . DC  A 1 4  ? -4.305  -11.634 6.478   1.00 62.08 ? 4  DC  A P     1 
ATOM   57  O  OP1   . DC  A 1 4  ? -4.783  -12.882 7.110   1.00 58.95 ? 4  DC  A OP1   1 
ATOM   58  O  OP2   . DC  A 1 4  ? -3.718  -11.633 5.119   1.00 49.32 ? 4  DC  A OP2   1 
ATOM   59  O  "O5'" . DC  A 1 4  ? -5.468  -10.533 6.526   1.00 66.65 ? 4  DC  A "O5'" 1 
ATOM   60  C  "C5'" . DC  A 1 4  ? -5.528  -9.579  7.583   1.00 67.18 ? 4  DC  A "C5'" 1 
ATOM   61  C  "C4'" . DC  A 1 4  ? -5.534  -8.158  7.046   1.00 61.26 ? 4  DC  A "C4'" 1 
ATOM   62  O  "O4'" . DC  A 1 4  ? -4.223  -7.545  7.201   1.00 56.90 ? 4  DC  A "O4'" 1 
ATOM   63  C  "C3'" . DC  A 1 4  ? -5.909  -8.012  5.572   1.00 63.04 ? 4  DC  A "C3'" 1 
ATOM   64  O  "O3'" . DC  A 1 4  ? -6.918  -7.003  5.458   1.00 69.58 ? 4  DC  A "O3'" 1 
ATOM   65  C  "C2'" . DC  A 1 4  ? -4.593  -7.611  4.903   1.00 51.36 ? 4  DC  A "C2'" 1 
ATOM   66  C  "C1'" . DC  A 1 4  ? -3.955  -6.805  6.027   1.00 49.83 ? 4  DC  A "C1'" 1 
ATOM   67  N  N1    . DC  A 1 4  ? -2.491  -6.598  5.876   1.00 41.62 ? 4  DC  A N1    1 
ATOM   68  C  C2    . DC  A 1 4  ? -1.863  -5.528  6.524   1.00 40.92 ? 4  DC  A C2    1 
ATOM   69  O  O2    . DC  A 1 4  ? -2.531  -4.765  7.233   1.00 47.87 ? 4  DC  A O2    1 
ATOM   70  N  N3    . DC  A 1 4  ? -0.530  -5.350  6.361   1.00 38.66 ? 4  DC  A N3    1 
ATOM   71  C  C4    . DC  A 1 4  ? 0.155   -6.196  5.595   1.00 42.85 ? 4  DC  A C4    1 
ATOM   72  N  N4    . DC  A 1 4  ? 1.470   -5.996  5.456   1.00 46.60 ? 4  DC  A N4    1 
ATOM   73  C  C5    . DC  A 1 4  ? -0.473  -7.285  4.920   1.00 45.92 ? 4  DC  A C5    1 
ATOM   74  C  C6    . DC  A 1 4  ? -1.786  -7.443  5.085   1.00 40.35 ? 4  DC  A C6    1 
ATOM   75  P  P     . DT  A 1 5  ? -7.569  -6.567  4.054   1.00 69.91 ? 5  DT  A P     1 
ATOM   76  O  OP1   . DT  A 1 5  ? -8.892  -7.220  3.923   1.00 66.96 ? 5  DT  A OP1   1 
ATOM   77  O  OP2   . DT  A 1 5  ? -6.549  -6.725  2.992   1.00 61.51 ? 5  DT  A OP2   1 
ATOM   78  O  "O5'" . DT  A 1 5  ? -7.800  -5.008  4.326   1.00 65.29 ? 5  DT  A "O5'" 1 
ATOM   79  C  "C5'" . DT  A 1 5  ? -8.015  -4.573  5.671   1.00 55.41 ? 5  DT  A "C5'" 1 
ATOM   80  C  "C4'" . DT  A 1 5  ? -7.762  -3.082  5.836   1.00 53.19 ? 5  DT  A "C4'" 1 
ATOM   81  O  "O4'" . DT  A 1 5  ? -6.344  -2.817  5.959   1.00 46.31 ? 5  DT  A "O4'" 1 
ATOM   82  C  "C3'" . DT  A 1 5  ? -8.261  -2.167  4.719   1.00 53.10 ? 5  DT  A "C3'" 1 
ATOM   83  O  "O3'" . DT  A 1 5  ? -8.648  -0.919  5.312   1.00 54.94 ? 5  DT  A "O3'" 1 
ATOM   84  C  "C2'" . DT  A 1 5  ? -7.019  -2.041  3.840   1.00 46.11 ? 5  DT  A "C2'" 1 
ATOM   85  C  "C1'" . DT  A 1 5  ? -5.912  -1.992  4.893   1.00 45.14 ? 5  DT  A "C1'" 1 
ATOM   86  N  N1    . DT  A 1 5  ? -4.552  -2.452  4.430   1.00 42.33 ? 5  DT  A N1    1 
ATOM   87  C  C2    . DT  A 1 5  ? -3.439  -1.744  4.820   1.00 34.73 ? 5  DT  A C2    1 
ATOM   88  O  O2    . DT  A 1 5  ? -3.482  -0.751  5.519   1.00 42.35 ? 5  DT  A O2    1 
ATOM   89  N  N3    . DT  A 1 5  ? -2.258  -2.237  4.351   1.00 34.48 ? 5  DT  A N3    1 
ATOM   90  C  C4    . DT  A 1 5  ? -2.071  -3.349  3.559   1.00 39.01 ? 5  DT  A C4    1 
ATOM   91  O  O4    . DT  A 1 5  ? -0.953  -3.710  3.195   1.00 43.43 ? 5  DT  A O4    1 
ATOM   92  C  C5    . DT  A 1 5  ? -3.270  -4.051  3.191   1.00 28.95 ? 5  DT  A C5    1 
ATOM   93  C  C7    . DT  A 1 5  ? -3.183  -5.334  2.413   1.00 38.79 ? 5  DT  A C7    1 
ATOM   94  C  C6    . DT  A 1 5  ? -4.435  -3.575  3.634   1.00 32.62 ? 5  DT  A C6    1 
ATOM   95  P  P     . DC  A 1 6  ? -9.638  0.107   4.590   1.00 55.37 ? 6  DC  A P     1 
ATOM   96  O  OP1   . DC  A 1 6  ? -10.560 0.669   5.604   1.00 59.89 ? 6  DC  A OP1   1 
ATOM   97  O  OP2   . DC  A 1 6  ? -10.155 -0.549  3.365   1.00 51.85 ? 6  DC  A OP2   1 
ATOM   98  O  "O5'" . DC  A 1 6  ? -8.613  1.271   4.218   1.00 53.77 ? 6  DC  A "O5'" 1 
ATOM   99  C  "C5'" . DC  A 1 6  ? -7.765  1.720   5.269   1.00 43.00 ? 6  DC  A "C5'" 1 
ATOM   100 C  "C4'" . DC  A 1 6  ? -6.663  2.607   4.730   1.00 42.78 ? 6  DC  A "C4'" 1 
ATOM   101 O  "O4'" . DC  A 1 6  ? -5.544  1.824   4.256   1.00 38.23 ? 6  DC  A "O4'" 1 
ATOM   102 C  "C3'" . DC  A 1 6  ? -7.070  3.522   3.585   1.00 48.39 ? 6  DC  A "C3'" 1 
ATOM   103 O  "O3'" . DC  A 1 6  ? -6.776  4.858   3.999   1.00 54.32 ? 6  DC  A "O3'" 1 
ATOM   104 C  "C2'" . DC  A 1 6  ? -6.208  3.046   2.414   1.00 41.44 ? 6  DC  A "C2'" 1 
ATOM   105 C  "C1'" . DC  A 1 6  ? -4.996  2.448   3.121   1.00 36.00 ? 6  DC  A "C1'" 1 
ATOM   106 N  N1    . DC  A 1 6  ? -4.315  1.356   2.377   1.00 39.78 ? 6  DC  A N1    1 
ATOM   107 C  C2    . DC  A 1 6  ? -2.923  1.285   2.378   1.00 35.70 ? 6  DC  A C2    1 
ATOM   108 O  O2    . DC  A 1 6  ? -2.269  2.149   2.972   1.00 39.31 ? 6  DC  A O2    1 
ATOM   109 N  N3    . DC  A 1 6  ? -2.329  0.266   1.718   1.00 36.02 ? 6  DC  A N3    1 
ATOM   110 C  C4    . DC  A 1 6  ? -3.061  -0.659  1.100   1.00 32.93 ? 6  DC  A C4    1 
ATOM   111 N  N4    . DC  A 1 6  ? -2.417  -1.642  0.466   1.00 33.61 ? 6  DC  A N4    1 
ATOM   112 C  C5    . DC  A 1 6  ? -4.475  -0.610  1.089   1.00 30.31 ? 6  DC  A C5    1 
ATOM   113 C  C6    . DC  A 1 6  ? -5.056  0.407   1.737   1.00 36.50 ? 6  DC  A C6    1 
ATOM   114 P  P     . DG  A 1 7  ? -7.372  6.141   3.251   1.00 56.90 ? 7  DG  A P     1 
ATOM   115 O  OP1   . DG  A 1 7  ? -7.636  7.149   4.300   1.00 59.93 ? 7  DG  A OP1   1 
ATOM   116 O  OP2   . DG  A 1 7  ? -8.453  5.718   2.330   1.00 51.95 ? 7  DG  A OP2   1 
ATOM   117 O  "O5'" . DG  A 1 7  ? -6.098  6.600   2.396   1.00 54.86 ? 7  DG  A "O5'" 1 
ATOM   118 C  "C5'" . DG  A 1 7  ? -4.832  6.517   3.038   1.00 50.55 ? 7  DG  A "C5'" 1 
ATOM   119 C  "C4'" . DG  A 1 7  ? -3.673  6.666   2.074   1.00 53.35 ? 7  DG  A "C4'" 1 
ATOM   120 O  "O4'" . DG  A 1 7  ? -3.284  5.367   1.551   1.00 49.79 ? 7  DG  A "O4'" 1 
ATOM   121 C  "C3'" . DG  A 1 7  ? -3.906  7.583   0.876   1.00 53.84 ? 7  DG  A "C3'" 1 
ATOM   122 O  "O3'" . DG  A 1 7  ? -2.689  8.276   0.622   1.00 56.55 ? 7  DG  A "O3'" 1 
ATOM   123 C  "C2'" . DG  A 1 7  ? -4.211  6.572   -0.223  1.00 55.09 ? 7  DG  A "C2'" 1 
ATOM   124 C  "C1'" . DG  A 1 7  ? -3.223  5.476   0.150   1.00 38.74 ? 7  DG  A "C1'" 1 
ATOM   125 N  N9    . DG  A 1 7  ? -3.474  4.203   -0.507  1.00 34.11 ? 7  DG  A N9    1 
ATOM   126 C  C8    . DG  A 1 7  ? -4.660  3.708   -0.996  1.00 31.45 ? 7  DG  A C8    1 
ATOM   127 N  N7    . DG  A 1 7  ? -4.537  2.556   -1.586  1.00 24.09 ? 7  DG  A N7    1 
ATOM   128 C  C5    . DG  A 1 7  ? -3.180  2.267   -1.475  1.00 30.30 ? 7  DG  A C5    1 
ATOM   129 C  C6    . DG  A 1 7  ? -2.433  1.139   -1.901  1.00 25.65 ? 7  DG  A C6    1 
ATOM   130 O  O6    . DG  A 1 7  ? -2.825  0.135   -2.511  1.00 36.84 ? 7  DG  A O6    1 
ATOM   131 N  N1    . DG  A 1 7  ? -1.084  1.257   -1.593  1.00 28.43 ? 7  DG  A N1    1 
ATOM   132 C  C2    . DG  A 1 7  ? -0.518  2.319   -0.925  1.00 34.06 ? 7  DG  A C2    1 
ATOM   133 N  N2    . DG  A 1 7  ? 0.803   2.258   -0.711  1.00 32.17 ? 7  DG  A N2    1 
ATOM   134 N  N3    . DG  A 1 7  ? -1.204  3.370   -0.503  1.00 28.47 ? 7  DG  A N3    1 
ATOM   135 C  C4    . DG  A 1 7  ? -2.518  3.273   -0.816  1.00 26.53 ? 7  DG  A C4    1 
ATOM   136 P  P     . DT  A 1 8  ? -2.536  9.521   -0.375  1.00 64.66 ? 8  DT  A P     1 
ATOM   137 O  OP1   . DT  A 1 8  ? -2.571  10.762  0.433   1.00 62.65 ? 8  DT  A OP1   1 
ATOM   138 O  OP2   . DT  A 1 8  ? -3.406  9.346   -1.561  1.00 57.06 ? 8  DT  A OP2   1 
ATOM   139 O  "O5'" . DT  A 1 8  ? -1.030  9.274   -0.821  1.00 61.42 ? 8  DT  A "O5'" 1 
ATOM   140 C  "C5'" . DT  A 1 8  ? -0.178  8.749   0.174   1.00 55.71 ? 8  DT  A "C5'" 1 
ATOM   141 C  "C4'" . DT  A 1 8  ? 1.125   8.268   -0.417  1.00 50.77 ? 8  DT  A "C4'" 1 
ATOM   142 O  "O4'" . DT  A 1 8  ? 0.968   6.936   -0.965  1.00 47.05 ? 8  DT  A "O4'" 1 
ATOM   143 C  "C3'" . DT  A 1 8  ? 1.630   9.129   -1.554  1.00 50.01 ? 8  DT  A "C3'" 1 
ATOM   144 O  "O3'" . DT  A 1 8  ? 3.032   9.101   -1.504  1.00 46.75 ? 8  DT  A "O3'" 1 
ATOM   145 C  "C2'" . DT  A 1 8  ? 1.101   8.407   -2.789  1.00 49.69 ? 8  DT  A "C2'" 1 
ATOM   146 C  "C1'" . DT  A 1 8  ? 1.234   6.956   -2.349  1.00 39.86 ? 8  DT  A "C1'" 1 
ATOM   147 N  N1    . DT  A 1 8  ? 0.282   6.014   -2.988  1.00 44.00 ? 8  DT  A N1    1 
ATOM   148 C  C2    . DT  A 1 8  ? 0.802   4.830   -3.448  1.00 31.98 ? 8  DT  A C2    1 
ATOM   149 O  O2    . DT  A 1 8  ? 1.985   4.554   -3.340  1.00 31.87 ? 8  DT  A O2    1 
ATOM   150 N  N3    . DT  A 1 8  ? -0.113  3.990   -4.028  1.00 36.47 ? 8  DT  A N3    1 
ATOM   151 C  C4    . DT  A 1 8  ? -1.469  4.219   -4.160  1.00 34.81 ? 8  DT  A C4    1 
ATOM   152 O  O4    . DT  A 1 8  ? -2.222  3.407   -4.688  1.00 37.91 ? 8  DT  A O4    1 
ATOM   153 C  C5    . DT  A 1 8  ? -1.946  5.485   -3.671  1.00 36.88 ? 8  DT  A C5    1 
ATOM   154 C  C7    . DT  A 1 8  ? -3.393  5.832   -3.861  1.00 34.50 ? 8  DT  A C7    1 
ATOM   155 C  C6    . DT  A 1 8  ? -1.065  6.321   -3.102  1.00 36.29 ? 8  DT  A C6    1 
ATOM   156 P  P     . DC  A 1 9  ? 3.831   10.212  -2.309  1.00 53.72 ? 9  DC  A P     1 
ATOM   157 O  OP1   . DC  A 1 9  ? 4.877   10.711  -1.399  1.00 48.72 ? 9  DC  A OP1   1 
ATOM   158 O  OP2   . DC  A 1 9  ? 2.840   11.142  -2.891  1.00 56.03 ? 9  DC  A OP2   1 
ATOM   159 O  "O5'" . DC  A 1 9  ? 4.509   9.369   -3.491  1.00 54.09 ? 9  DC  A "O5'" 1 
ATOM   160 C  "C5'" . DC  A 1 9  ? 5.380   8.282   -3.195  1.00 42.34 ? 9  DC  A "C5'" 1 
ATOM   161 C  "C4'" . DC  A 1 9  ? 5.622   7.420   -4.421  1.00 44.74 ? 9  DC  A "C4'" 1 
ATOM   162 O  "O4'" . DC  A 1 9  ? 4.427   6.677   -4.760  1.00 44.42 ? 9  DC  A "O4'" 1 
ATOM   163 C  "C3'" . DC  A 1 9  ? 6.033   8.144   -5.694  1.00 45.47 ? 9  DC  A "C3'" 1 
ATOM   164 O  "O3'" . DC  A 1 9  ? 7.150   7.464   -6.230  1.00 59.73 ? 9  DC  A "O3'" 1 
ATOM   165 C  "C2'" . DC  A 1 9  ? 4.827   7.977   -6.618  1.00 46.26 ? 9  DC  A "C2'" 1 
ATOM   166 C  "C1'" . DC  A 1 9  ? 4.296   6.627   -6.165  1.00 41.03 ? 9  DC  A "C1'" 1 
ATOM   167 N  N1    . DC  A 1 9  ? 2.851   6.385   -6.445  1.00 37.21 ? 9  DC  A N1    1 
ATOM   168 C  C2    . DC  A 1 9  ? 2.435   5.138   -6.895  1.00 36.88 ? 9  DC  A C2    1 
ATOM   169 O  O2    . DC  A 1 9  ? 3.278   4.262   -7.097  1.00 36.68 ? 9  DC  A O2    1 
ATOM   170 N  N3    . DC  A 1 9  ? 1.116   4.935   -7.114  1.00 36.46 ? 9  DC  A N3    1 
ATOM   171 C  C4    . DC  A 1 9  ? 0.246   5.929   -6.905  1.00 35.44 ? 9  DC  A C4    1 
ATOM   172 N  N4    . DC  A 1 9  ? -1.049  5.701   -7.127  1.00 29.35 ? 9  DC  A N4    1 
ATOM   173 C  C5    . DC  A 1 9  ? 0.650   7.206   -6.432  1.00 30.86 ? 9  DC  A C5    1 
ATOM   174 C  C6    . DC  A 1 9  ? 1.950   7.375   -6.214  1.00 35.29 ? 9  DC  A C6    1 
ATOM   175 P  P     . DT  A 1 10 ? 8.191   8.219   -7.184  1.00 67.74 ? 10 DT  A P     1 
ATOM   176 O  OP1   . DT  A 1 10 ? 9.502   8.201   -6.499  1.00 66.95 ? 10 DT  A OP1   1 
ATOM   177 O  OP2   . DT  A 1 10 ? 7.596   9.499   -7.632  1.00 60.17 ? 10 DT  A OP2   1 
ATOM   178 O  "O5'" . DT  A 1 10 ? 8.257   7.217   -8.423  1.00 64.40 ? 10 DT  A "O5'" 1 
ATOM   179 C  "C5'" . DT  A 1 10 ? 8.253   5.835   -8.134  1.00 58.20 ? 10 DT  A "C5'" 1 
ATOM   180 C  "C4'" . DT  A 1 10 ? 7.787   5.030   -9.328  1.00 49.20 ? 10 DT  A "C4'" 1 
ATOM   181 O  "O4'" . DT  A 1 10 ? 6.345   4.943   -9.359  1.00 41.70 ? 10 DT  A "O4'" 1 
ATOM   182 C  "C3'" . DT  A 1 10 ? 8.221   5.539   -10.691 1.00 48.08 ? 10 DT  A "C3'" 1 
ATOM   183 O  "O3'" . DT  A 1 10 ? 8.625   4.386   -11.399 1.00 47.77 ? 10 DT  A "O3'" 1 
ATOM   184 C  "C2'" . DT  A 1 10 ? 6.931   6.144   -11.249 1.00 38.23 ? 10 DT  A "C2'" 1 
ATOM   185 C  "C1'" . DT  A 1 10 ? 5.913   5.163   -10.677 1.00 37.12 ? 10 DT  A "C1'" 1 
ATOM   186 N  N1    . DT  A 1 10 ? 4.518   5.647   -10.561 1.00 36.71 ? 10 DT  A N1    1 
ATOM   187 C  C2    . DT  A 1 10 ? 3.490   4.764   -10.803 1.00 30.41 ? 10 DT  A C2    1 
ATOM   188 O  O2    . DT  A 1 10 ? 3.668   3.606   -11.129 1.00 39.26 ? 10 DT  A O2    1 
ATOM   189 N  N3    . DT  A 1 10 ? 2.236   5.292   -10.664 1.00 31.43 ? 10 DT  A N3    1 
ATOM   190 C  C4    . DT  A 1 10 ? 1.918   6.588   -10.302 1.00 36.94 ? 10 DT  A C4    1 
ATOM   191 O  O4    . DT  A 1 10 ? 0.755   6.958   -10.193 1.00 37.65 ? 10 DT  A O4    1 
ATOM   192 C  C5    . DT  A 1 10 ? 3.040   7.461   -10.056 1.00 28.35 ? 10 DT  A C5    1 
ATOM   193 C  C7    . DT  A 1 10 ? 2.825   8.904   -9.712  1.00 36.76 ? 10 DT  A C7    1 
ATOM   194 C  C6    . DT  A 1 10 ? 4.274   6.960   -10.206 1.00 40.06 ? 10 DT  A C6    1 
ATOM   195 P  P     . DC  A 1 11 ? 9.662   4.456   -12.602 1.00 52.09 ? 11 DC  A P     1 
ATOM   196 O  OP1   . DC  A 1 11 ? 10.707  3.440   -12.365 1.00 64.19 ? 11 DC  A OP1   1 
ATOM   197 O  OP2   . DC  A 1 11 ? 10.016  5.867   -12.856 1.00 50.24 ? 11 DC  A OP2   1 
ATOM   198 O  "O5'" . DC  A 1 11 ? 8.771   3.941   -13.814 1.00 49.55 ? 11 DC  A "O5'" 1 
ATOM   199 C  "C5'" . DC  A 1 11 ? 7.943   2.816   -13.583 1.00 45.15 ? 11 DC  A "C5'" 1 
ATOM   200 C  "C4'" . DC  A 1 11 ? 6.907   2.736   -14.678 1.00 36.96 ? 11 DC  A "C4'" 1 
ATOM   201 O  "O4'" . DC  A 1 11 ? 5.732   3.461   -14.256 1.00 40.53 ? 11 DC  A "O4'" 1 
ATOM   202 C  "C3'" . DC  A 1 11 ? 7.322   3.369   -15.999 1.00 41.71 ? 11 DC  A "C3'" 1 
ATOM   203 O  "O3'" . DC  A 1 11 ? 6.711   2.630   -17.014 1.00 51.30 ? 11 DC  A "O3'" 1 
ATOM   204 C  "C2'" . DC  A 1 11 ? 6.651   4.733   -15.946 1.00 39.70 ? 11 DC  A "C2'" 1 
ATOM   205 C  "C1'" . DC  A 1 11 ? 5.339   4.313   -15.302 1.00 36.78 ? 11 DC  A "C1'" 1 
ATOM   206 N  N1    . DC  A 1 11 ? 4.538   5.424   -14.738 1.00 31.84 ? 11 DC  A N1    1 
ATOM   207 C  C2    . DC  A 1 11 ? 3.152   5.275   -14.630 1.00 33.73 ? 11 DC  A C2    1 
ATOM   208 O  O2    . DC  A 1 11 ? 2.605   4.223   -14.988 1.00 33.62 ? 11 DC  A O2    1 
ATOM   209 N  N3    . DC  A 1 11 ? 2.439   6.290   -14.120 1.00 28.75 ? 11 DC  A N3    1 
ATOM   210 C  C4    . DC  A 1 11 ? 3.043   7.414   -13.750 1.00 29.70 ? 11 DC  A C4    1 
ATOM   211 N  N4    . DC  A 1 11 ? 2.271   8.384   -13.255 1.00 35.25 ? 11 DC  A N4    1 
ATOM   212 C  C5    . DC  A 1 11 ? 4.452   7.591   -13.849 1.00 30.48 ? 11 DC  A C5    1 
ATOM   213 C  C6    . DC  A 1 11 ? 5.152   6.574   -14.354 1.00 34.54 ? 11 DC  A C6    1 
ATOM   214 P  P     . DC  A 1 12 ? 7.573   1.932   -18.152 1.00 50.31 ? 12 DC  A P     1 
ATOM   215 O  OP1   . DC  A 1 12 ? 8.224   0.718   -17.615 1.00 68.92 ? 12 DC  A OP1   1 
ATOM   216 O  OP2   . DC  A 1 12 ? 8.376   2.996   -18.795 1.00 45.99 ? 12 DC  A OP2   1 
ATOM   217 O  "O5'" . DC  A 1 12 ? 6.369   1.480   -19.077 1.00 44.79 ? 12 DC  A "O5'" 1 
ATOM   218 C  "C5'" . DC  A 1 12 ? 5.387   2.459   -19.221 1.00 50.65 ? 12 DC  A "C5'" 1 
ATOM   219 C  "C4'" . DC  A 1 12 ? 4.014   1.887   -19.446 1.00 46.33 ? 12 DC  A "C4'" 1 
ATOM   220 O  "O4'" . DC  A 1 12 ? 3.164   2.418   -18.405 1.00 40.14 ? 12 DC  A "O4'" 1 
ATOM   221 C  "C3'" . DC  A 1 12 ? 3.466   2.387   -20.772 1.00 45.97 ? 12 DC  A "C3'" 1 
ATOM   222 O  "O3'" . DC  A 1 12 ? 3.487   1.326   -21.715 1.00 50.40 ? 12 DC  A "O3'" 1 
ATOM   223 C  "C2'" . DC  A 1 12 ? 2.083   2.954   -20.460 1.00 38.46 ? 12 DC  A "C2'" 1 
ATOM   224 C  "C1'" . DC  A 1 12 ? 2.162   3.237   -18.960 1.00 38.21 ? 12 DC  A "C1'" 1 
ATOM   225 N  N1    . DC  A 1 12 ? 2.354   4.661   -18.496 1.00 39.41 ? 12 DC  A N1    1 
ATOM   226 C  C2    . DC  A 1 12 ? 1.238   5.421   -18.114 1.00 35.28 ? 12 DC  A C2    1 
ATOM   227 O  O2    . DC  A 1 12 ? 0.101   4.939   -18.166 1.00 42.12 ? 12 DC  A O2    1 
ATOM   228 N  N3    . DC  A 1 12 ? 1.413   6.681   -17.677 1.00 32.57 ? 12 DC  A N3    1 
ATOM   229 C  C4    . DC  A 1 12 ? 2.617   7.217   -17.631 1.00 28.01 ? 12 DC  A C4    1 
ATOM   230 N  N4    . DC  A 1 12 ? 2.691   8.476   -17.189 1.00 31.30 ? 12 DC  A N4    1 
ATOM   231 C  C5    . DC  A 1 12 ? 3.774   6.483   -18.009 1.00 26.46 ? 12 DC  A C5    1 
ATOM   232 C  C6    . DC  A 1 12 ? 3.599   5.215   -18.418 1.00 36.68 ? 12 DC  A C6    1 
ATOM   233 O  "O5'" . DG  B 2 1  ? -7.407  13.316  -16.687 1.00 54.56 ? 13 DG  B "O5'" 1 
ATOM   234 C  "C5'" . DG  B 2 1  ? -7.340  12.481  -15.537 1.00 48.85 ? 13 DG  B "C5'" 1 
ATOM   235 C  "C4'" . DG  B 2 1  ? -7.571  11.025  -15.906 1.00 40.05 ? 13 DG  B "C4'" 1 
ATOM   236 O  "O4'" . DG  B 2 1  ? -6.327  10.410  -16.322 1.00 40.94 ? 13 DG  B "O4'" 1 
ATOM   237 C  "C3'" . DG  B 2 1  ? -7.985  10.148  -14.733 1.00 45.21 ? 13 DG  B "C3'" 1 
ATOM   238 O  "O3'" . DG  B 2 1  ? -8.438  8.890   -15.243 1.00 49.23 ? 13 DG  B "O3'" 1 
ATOM   239 C  "C2'" . DG  B 2 1  ? -6.634  10.018  -14.033 1.00 44.41 ? 13 DG  B "C2'" 1 
ATOM   240 C  "C1'" . DG  B 2 1  ? -5.795  9.651   -15.242 1.00 30.51 ? 13 DG  B "C1'" 1 
ATOM   241 N  N9    . DG  B 2 1  ? -4.365  9.934   -15.152 1.00 35.60 ? 13 DG  B N9    1 
ATOM   242 C  C8    . DG  B 2 1  ? -3.733  11.029  -14.610 1.00 31.97 ? 13 DG  B C8    1 
ATOM   243 N  N7    . DG  B 2 1  ? -2.431  10.977  -14.732 1.00 36.58 ? 13 DG  B N7    1 
ATOM   244 C  C5    . DG  B 2 1  ? -2.187  9.783   -15.408 1.00 32.84 ? 13 DG  B C5    1 
ATOM   245 C  C6    . DG  B 2 1  ? -0.975  9.171   -15.826 1.00 27.49 ? 13 DG  B C6    1 
ATOM   246 O  O6    . DG  B 2 1  ? 0.186   9.569   -15.708 1.00 36.15 ? 13 DG  B O6    1 
ATOM   247 N  N1    . DG  B 2 1  ? -1.192  7.969   -16.476 1.00 30.10 ? 13 DG  B N1    1 
ATOM   248 C  C2    . DG  B 2 1  ? -2.422  7.412   -16.699 1.00 25.31 ? 13 DG  B C2    1 
ATOM   249 N  N2    . DG  B 2 1  ? -2.423  6.243   -17.345 1.00 33.78 ? 13 DG  B N2    1 
ATOM   250 N  N3    . DG  B 2 1  ? -3.560  7.952   -16.307 1.00 27.79 ? 13 DG  B N3    1 
ATOM   251 C  C4    . DG  B 2 1  ? -3.368  9.132   -15.667 1.00 30.74 ? 13 DG  B C4    1 
ATOM   252 P  P     . DG  B 2 2  ? -9.207  7.832   -14.319 1.00 55.08 ? 14 DG  B P     1 
ATOM   253 O  OP1   . DG  B 2 2  ? -10.460 7.468   -15.016 1.00 57.26 ? 14 DG  B OP1   1 
ATOM   254 O  OP2   . DG  B 2 2  ? -9.223  8.347   -12.932 1.00 44.00 ? 14 DG  B OP2   1 
ATOM   255 O  "O5'" . DG  B 2 2  ? -8.236  6.561   -14.342 1.00 52.78 ? 14 DG  B "O5'" 1 
ATOM   256 C  "C5'" . DG  B 2 2  ? -7.999  5.879   -15.566 1.00 44.02 ? 14 DG  B "C5'" 1 
ATOM   257 C  "C4'" . DG  B 2 2  ? -7.107  4.670   -15.349 1.00 52.06 ? 14 DG  B "C4'" 1 
ATOM   258 O  "O4'" . DG  B 2 2  ? -5.737  5.106   -15.144 1.00 54.04 ? 14 DG  B "O4'" 1 
ATOM   259 C  "C3'" . DG  B 2 2  ? -7.433  3.844   -14.111 1.00 55.90 ? 14 DG  B "C3'" 1 
ATOM   260 O  "O3'" . DG  B 2 2  ? -6.909  2.539   -14.304 1.00 65.89 ? 14 DG  B "O3'" 1 
ATOM   261 C  "C2'" . DG  B 2 2  ? -6.632  4.583   -13.043 1.00 52.59 ? 14 DG  B "C2'" 1 
ATOM   262 C  "C1'" . DG  B 2 2  ? -5.344  4.777   -13.828 1.00 41.50 ? 14 DG  B "C1'" 1 
ATOM   263 N  N9    . DG  B 2 2  ? -4.449  5.810   -13.334 1.00 37.75 ? 14 DG  B N9    1 
ATOM   264 C  C8    . DG  B 2 2  ? -4.735  6.924   -12.594 1.00 37.63 ? 14 DG  B C8    1 
ATOM   265 N  N7    . DG  B 2 2  ? -3.686  7.650   -12.315 1.00 37.02 ? 14 DG  B N7    1 
ATOM   266 C  C5    . DG  B 2 2  ? -2.640  6.957   -12.917 1.00 38.21 ? 14 DG  B C5    1 
ATOM   267 C  C6    . DG  B 2 2  ? -1.258  7.243   -12.975 1.00 27.62 ? 14 DG  B C6    1 
ATOM   268 O  O6    . DG  B 2 2  ? -0.669  8.212   -12.476 1.00 36.91 ? 14 DG  B O6    1 
ATOM   269 N  N1    . DG  B 2 2  ? -0.554  6.262   -13.672 1.00 26.79 ? 14 DG  B N1    1 
ATOM   270 C  C2    . DG  B 2 2  ? -1.131  5.157   -14.264 1.00 32.58 ? 14 DG  B C2    1 
ATOM   271 N  N2    . DG  B 2 2  ? -0.336  4.304   -14.931 1.00 34.95 ? 14 DG  B N2    1 
ATOM   272 N  N3    . DG  B 2 2  ? -2.423  4.898   -14.235 1.00 40.00 ? 14 DG  B N3    1 
ATOM   273 C  C4    . DG  B 2 2  ? -3.102  5.830   -13.542 1.00 32.18 ? 14 DG  B C4    1 
ATOM   274 P  P     . DA  B 2 3  ? -7.723  1.257   -13.825 1.00 58.17 ? 15 DA  B P     1 
ATOM   275 O  OP1   . DA  B 2 3  ? -8.874  1.096   -14.738 1.00 65.56 ? 15 DA  B OP1   1 
ATOM   276 O  OP2   . DA  B 2 3  ? -7.896  1.411   -12.361 1.00 56.10 ? 15 DA  B OP2   1 
ATOM   277 O  "O5'" . DA  B 2 3  ? -6.711  0.046   -14.091 1.00 51.42 ? 15 DA  B "O5'" 1 
ATOM   278 C  "C5'" . DA  B 2 3  ? -5.937  -0.005  -15.277 1.00 40.95 ? 15 DA  B "C5'" 1 
ATOM   279 C  "C4'" . DA  B 2 3  ? -4.587  -0.650  -15.004 1.00 43.25 ? 15 DA  B "C4'" 1 
ATOM   280 O  "O4'" . DA  B 2 3  ? -3.612  0.337   -14.567 1.00 37.87 ? 15 DA  B "O4'" 1 
ATOM   281 C  "C3'" . DA  B 2 3  ? -4.566  -1.760  -13.957 1.00 41.04 ? 15 DA  B "C3'" 1 
ATOM   282 O  "O3'" . DA  B 2 3  ? -3.667  -2.785  -14.382 1.00 42.87 ? 15 DA  B "O3'" 1 
ATOM   283 C  "C2'" . DA  B 2 3  ? -4.031  -1.033  -12.725 1.00 32.57 ? 15 DA  B "C2'" 1 
ATOM   284 C  "C1'" . DA  B 2 3  ? -3.053  -0.024  -13.320 1.00 32.59 ? 15 DA  B "C1'" 1 
ATOM   285 N  N9    . DA  B 2 3  ? -2.961  1.207   -12.549 1.00 27.93 ? 15 DA  B N9    1 
ATOM   286 C  C8    . DA  B 2 3  ? -4.016  1.878   -12.021 1.00 32.70 ? 15 DA  B C8    1 
ATOM   287 N  N7    . DA  B 2 3  ? -3.687  2.973   -11.378 1.00 37.01 ? 15 DA  B N7    1 
ATOM   288 C  C5    . DA  B 2 3  ? -2.312  3.029   -11.508 1.00 30.90 ? 15 DA  B C5    1 
ATOM   289 C  C6    . DA  B 2 3  ? -1.365  3.954   -11.040 1.00 31.19 ? 15 DA  B C6    1 
ATOM   290 N  N6    . DA  B 2 3  ? -1.690  5.031   -10.307 1.00 33.08 ? 15 DA  B N6    1 
ATOM   291 N  N1    . DA  B 2 3  ? -0.069  3.712   -11.324 1.00 34.48 ? 15 DA  B N1    1 
ATOM   292 C  C2    . DA  B 2 3  ? 0.250   2.620   -12.033 1.00 29.98 ? 15 DA  B C2    1 
ATOM   293 N  N3    . DA  B 2 3  ? -0.555  1.686   -12.519 1.00 29.86 ? 15 DA  B N3    1 
ATOM   294 C  C4    . DA  B 2 3  ? -1.840  1.944   -12.219 1.00 28.54 ? 15 DA  B C4    1 
ATOM   295 P  P     . DG  B 2 4  ? -3.636  -4.190  -13.619 1.00 40.09 ? 16 DG  B P     1 
ATOM   296 O  OP1   . DG  B 2 4  ? -3.219  -5.241  -14.567 1.00 49.79 ? 16 DG  B OP1   1 
ATOM   297 O  OP2   . DG  B 2 4  ? -4.887  -4.304  -12.858 1.00 42.20 ? 16 DG  B OP2   1 
ATOM   298 O  "O5'" . DG  B 2 4  ? -2.434  -3.943  -12.597 1.00 40.37 ? 16 DG  B "O5'" 1 
ATOM   299 C  "C5'" . DG  B 2 4  ? -1.155  -3.678  -13.123 1.00 35.25 ? 16 DG  B "C5'" 1 
ATOM   300 C  "C4'" . DG  B 2 4  ? -0.178  -3.433  -11.997 1.00 37.22 ? 16 DG  B "C4'" 1 
ATOM   301 O  "O4'" . DG  B 2 4  ? -0.414  -2.095  -11.500 1.00 35.51 ? 16 DG  B "O4'" 1 
ATOM   302 C  "C3'" . DG  B 2 4  ? -0.297  -4.390  -10.809 1.00 31.83 ? 16 DG  B "C3'" 1 
ATOM   303 O  "O3'" . DG  B 2 4  ? 1.008   -4.697  -10.383 1.00 32.75 ? 16 DG  B "O3'" 1 
ATOM   304 C  "C2'" . DG  B 2 4  ? -1.038  -3.542  -9.778  1.00 31.12 ? 16 DG  B "C2'" 1 
ATOM   305 C  "C1'" . DG  B 2 4  ? -0.464  -2.166  -10.099 1.00 32.34 ? 16 DG  B "C1'" 1 
ATOM   306 N  N9    . DG  B 2 4  ? -1.175  -1.007  -9.558  1.00 34.13 ? 16 DG  B N9    1 
ATOM   307 C  C8    . DG  B 2 4  ? -2.527  -0.839  -9.328  1.00 27.27 ? 16 DG  B C8    1 
ATOM   308 N  N7    . DG  B 2 4  ? -2.805  0.320   -8.787  1.00 34.70 ? 16 DG  B N7    1 
ATOM   309 C  C5    . DG  B 2 4  ? -1.574  0.965   -8.668  1.00 31.83 ? 16 DG  B C5    1 
ATOM   310 C  C6    . DG  B 2 4  ? -1.220  2.253   -8.171  1.00 32.95 ? 16 DG  B C6    1 
ATOM   311 O  O6    . DG  B 2 4  ? -1.927  3.151   -7.709  1.00 32.73 ? 16 DG  B O6    1 
ATOM   312 N  N1    . DG  B 2 4  ? 0.143   2.487   -8.239  1.00 31.07 ? 16 DG  B N1    1 
ATOM   313 C  C2    . DG  B 2 4  ? 1.068   1.599   -8.705  1.00 30.23 ? 16 DG  B C2    1 
ATOM   314 N  N2    . DG  B 2 4  ? 2.335   2.023   -8.676  1.00 37.42 ? 16 DG  B N2    1 
ATOM   315 N  N3    . DG  B 2 4  ? 0.765   0.399   -9.176  1.00 37.60 ? 16 DG  B N3    1 
ATOM   316 C  C4    . DG  B 2 4  ? -0.567  0.152   -9.132  1.00 27.27 ? 16 DG  B C4    1 
ATOM   317 P  P     . DA  B 2 5  ? 1.383   -5.957  -9.466  1.00 34.08 ? 17 DA  B P     1 
ATOM   318 O  OP1   . DA  B 2 5  ? 1.680   -7.092  -10.356 1.00 33.44 ? 17 DA  B OP1   1 
ATOM   319 O  OP2   . DA  B 2 5  ? 0.392   -6.114  -8.396  1.00 32.93 ? 17 DA  B OP2   1 
ATOM   320 O  "O5'" . DA  B 2 5  ? 2.721   -5.428  -8.766  1.00 39.84 ? 17 DA  B "O5'" 1 
ATOM   321 C  "C5'" . DA  B 2 5  ? 3.688   -4.724  -9.534  1.00 32.63 ? 17 DA  B "C5'" 1 
ATOM   322 C  "C4'" . DA  B 2 5  ? 4.583   -3.904  -8.628  1.00 34.05 ? 17 DA  B "C4'" 1 
ATOM   323 O  "O4'" . DA  B 2 5  ? 3.878   -2.706  -8.211  1.00 33.52 ? 17 DA  B "O4'" 1 
ATOM   324 C  "C3'" . DA  B 2 5  ? 5.034   -4.577  -7.340  1.00 39.71 ? 17 DA  B "C3'" 1 
ATOM   325 O  "O3'" . DA  B 2 5  ? 6.330   -4.079  -7.011  1.00 45.30 ? 17 DA  B "O3'" 1 
ATOM   326 C  "C2'" . DA  B 2 5  ? 3.997   -4.082  -6.341  1.00 35.61 ? 17 DA  B "C2'" 1 
ATOM   327 C  "C1'" . DA  B 2 5  ? 3.782   -2.645  -6.808  1.00 34.24 ? 17 DA  B "C1'" 1 
ATOM   328 N  N9    . DA  B 2 5  ? 2.450   -2.134  -6.516  1.00 31.97 ? 17 DA  B N9    1 
ATOM   329 C  C8    . DA  B 2 5  ? 1.277   -2.810  -6.657  1.00 36.04 ? 17 DA  B C8    1 
ATOM   330 N  N7    . DA  B 2 5  ? 0.216   -2.121  -6.332  1.00 32.96 ? 17 DA  B N7    1 
ATOM   331 C  C5    . DA  B 2 5  ? 0.728   -0.904  -5.949  1.00 34.27 ? 17 DA  B C5    1 
ATOM   332 C  C6    . DA  B 2 5  ? 0.113   0.265   -5.480  1.00 33.60 ? 17 DA  B C6    1 
ATOM   333 N  N6    . DA  B 2 5  ? -1.207  0.386   -5.331  1.00 38.75 ? 17 DA  B N6    1 
ATOM   334 N  N1    . DA  B 2 5  ? 0.905   1.309   -5.173  1.00 35.22 ? 17 DA  B N1    1 
ATOM   335 C  C2    . DA  B 2 5  ? 2.222   1.176   -5.328  1.00 37.01 ? 17 DA  B C2    1 
ATOM   336 N  N3    . DA  B 2 5  ? 2.918   0.123   -5.754  1.00 43.76 ? 17 DA  B N3    1 
ATOM   337 C  C4    . DA  B 2 5  ? 2.103   -0.894  -6.053  1.00 34.77 ? 17 DA  B C4    1 
ATOM   338 P  P     . DC  B 2 6  ? 7.175   -4.688  -5.798  1.00 46.50 ? 18 DC  B P     1 
ATOM   339 O  OP1   . DC  B 2 6  ? 8.594   -4.425  -6.109  1.00 53.94 ? 18 DC  B OP1   1 
ATOM   340 O  OP2   . DC  B 2 6  ? 6.716   -6.069  -5.538  1.00 49.72 ? 18 DC  B OP2   1 
ATOM   341 O  "O5'" . DC  B 2 6  ? 6.777   -3.767  -4.557  1.00 41.30 ? 18 DC  B "O5'" 1 
ATOM   342 C  "C5'" . DC  B 2 6  ? 7.160   -2.397  -4.550  1.00 35.53 ? 18 DC  B "C5'" 1 
ATOM   343 C  "C4'" . DC  B 2 6  ? 6.508   -1.708  -3.373  1.00 41.68 ? 18 DC  B "C4'" 1 
ATOM   344 O  "O4'" . DC  B 2 6  ? 5.096   -1.458  -3.616  1.00 42.04 ? 18 DC  B "O4'" 1 
ATOM   345 C  "C3'" . DC  B 2 6  ? 6.557   -2.550  -2.102  1.00 42.95 ? 18 DC  B "C3'" 1 
ATOM   346 O  "O3'" . DC  B 2 6  ? 6.945   -1.708  -1.058  1.00 58.72 ? 18 DC  B "O3'" 1 
ATOM   347 C  "C2'" . DC  B 2 6  ? 5.104   -2.955  -1.886  1.00 46.84 ? 18 DC  B "C2'" 1 
ATOM   348 C  "C1'" . DC  B 2 6  ? 4.443   -1.677  -2.376  1.00 41.74 ? 18 DC  B "C1'" 1 
ATOM   349 N  N1    . DC  B 2 6  ? 2.967   -1.794  -2.513  1.00 38.20 ? 18 DC  B N1    1 
ATOM   350 C  C2    . DC  B 2 6  ? 2.134   -0.696  -2.251  1.00 45.16 ? 18 DC  B C2    1 
ATOM   351 O  O2    . DC  B 2 6  ? 2.610   0.392   -1.909  1.00 45.84 ? 18 DC  B O2    1 
ATOM   352 N  N3    . DC  B 2 6  ? 0.800   -0.841  -2.371  1.00 44.02 ? 18 DC  B N3    1 
ATOM   353 C  C4    . DC  B 2 6  ? 0.291   -2.014  -2.730  1.00 44.47 ? 18 DC  B C4    1 
ATOM   354 N  N4    . DC  B 2 6  ? -1.040  -2.091  -2.840  1.00 43.05 ? 18 DC  B N4    1 
ATOM   355 C  C5    . DC  B 2 6  ? 1.119   -3.148  -2.994  1.00 44.65 ? 18 DC  B C5    1 
ATOM   356 C  C6    . DC  B 2 6  ? 2.435   -2.995  -2.869  1.00 37.99 ? 18 DC  B C6    1 
ATOM   357 P  P     . DG  B 2 7  ? 8.439   -1.760  -0.515  1.00 57.17 ? 19 DG  B P     1 
ATOM   358 O  OP1   . DG  B 2 7  ? 9.303   -1.409  -1.659  1.00 54.60 ? 19 DG  B OP1   1 
ATOM   359 O  OP2   . DG  B 2 7  ? 8.601   -3.034  0.224   1.00 44.11 ? 19 DG  B OP2   1 
ATOM   360 O  "O5'" . DG  B 2 7  ? 8.429   -0.524  0.486   1.00 50.25 ? 19 DG  B "O5'" 1 
ATOM   361 C  "C5'" . DG  B 2 7  ? 8.015   0.714   -0.059  1.00 50.16 ? 19 DG  B "C5'" 1 
ATOM   362 C  "C4'" . DG  B 2 7  ? 7.514   1.631   1.035   1.00 55.39 ? 19 DG  B "C4'" 1 
ATOM   363 O  "O4'" . DG  B 2 7  ? 6.068   1.602   1.058   1.00 55.21 ? 19 DG  B "O4'" 1 
ATOM   364 C  "C3'" . DG  B 2 7  ? 7.941   1.199   2.432   1.00 58.55 ? 19 DG  B "C3'" 1 
ATOM   365 O  "O3'" . DG  B 2 7  ? 7.802   2.317   3.299   1.00 68.50 ? 19 DG  B "O3'" 1 
ATOM   366 C  "C2'" . DG  B 2 7  ? 6.885   0.142   2.723   1.00 53.80 ? 19 DG  B "C2'" 1 
ATOM   367 C  "C1'" . DG  B 2 7  ? 5.648   0.866   2.195   1.00 47.99 ? 19 DG  B "C1'" 1 
ATOM   368 N  N9    . DG  B 2 7  ? 4.562   -0.038  1.825   1.00 35.94 ? 19 DG  B N9    1 
ATOM   369 C  C8    . DG  B 2 7  ? 4.684   -1.340  1.408   1.00 39.31 ? 19 DG  B C8    1 
ATOM   370 N  N7    . DG  B 2 7  ? 3.542   -1.908  1.148   1.00 35.17 ? 19 DG  B N7    1 
ATOM   371 C  C5    . DG  B 2 7  ? 2.608   -0.916  1.416   1.00 37.97 ? 19 DG  B C5    1 
ATOM   372 C  C6    . DG  B 2 7  ? 1.202   -0.954  1.320   1.00 36.87 ? 19 DG  B C6    1 
ATOM   373 O  O6    . DG  B 2 7  ? 0.473   -1.893  0.967   1.00 44.09 ? 19 DG  B O6    1 
ATOM   374 N  N1    . DG  B 2 7  ? 0.636   0.244   1.702   1.00 37.50 ? 19 DG  B N1    1 
ATOM   375 C  C2    . DG  B 2 7  ? 1.328   1.351   2.103   1.00 38.98 ? 19 DG  B C2    1 
ATOM   376 N  N2    . DG  B 2 7  ? 0.574   2.407   2.413   1.00 38.04 ? 19 DG  B N2    1 
ATOM   377 N  N3    . DG  B 2 7  ? 2.648   1.414   2.192   1.00 43.08 ? 19 DG  B N3    1 
ATOM   378 C  C4    . DG  B 2 7  ? 3.219   0.239   1.837   1.00 34.31 ? 19 DG  B C4    1 
ATOM   379 P  P     . DA  B 2 8  ? 8.430   2.354   4.773   1.00 60.27 ? 20 DA  B P     1 
ATOM   380 O  OP1   . DA  B 2 8  ? 9.720   3.060   4.652   1.00 69.80 ? 20 DA  B OP1   1 
ATOM   381 O  OP2   . DA  B 2 8  ? 8.378   1.003   5.379   1.00 55.05 ? 20 DA  B OP2   1 
ATOM   382 O  "O5'" . DA  B 2 8  ? 7.372   3.293   5.530   1.00 62.48 ? 20 DA  B "O5'" 1 
ATOM   383 C  "C5'" . DA  B 2 8  ? 6.370   4.003   4.782   1.00 56.98 ? 20 DA  B "C5'" 1 
ATOM   384 C  "C4'" . DA  B 2 8  ? 5.128   4.345   5.597   1.00 48.39 ? 20 DA  B "C4'" 1 
ATOM   385 O  "O4'" . DA  B 2 8  ? 4.029   3.465   5.248   1.00 50.03 ? 20 DA  B "O4'" 1 
ATOM   386 C  "C3'" . DA  B 2 8  ? 5.245   4.281   7.115   1.00 48.85 ? 20 DA  B "C3'" 1 
ATOM   387 O  "O3'" . DA  B 2 8  ? 4.448   5.320   7.695   1.00 59.59 ? 20 DA  B "O3'" 1 
ATOM   388 C  "C2'" . DA  B 2 8  ? 4.705   2.893   7.441   1.00 41.39 ? 20 DA  B "C2'" 1 
ATOM   389 C  "C1'" . DA  B 2 8  ? 3.628   2.704   6.372   1.00 42.82 ? 20 DA  B "C1'" 1 
ATOM   390 N  N9    . DA  B 2 8  ? 3.426   1.326   5.926   1.00 34.81 ? 20 DA  B N9    1 
ATOM   391 C  C8    . DA  B 2 8  ? 4.383   0.378   5.677   1.00 36.27 ? 20 DA  B C8    1 
ATOM   392 N  N7    . DA  B 2 8  ? 3.900   -0.775  5.255   1.00 31.97 ? 20 DA  B N7    1 
ATOM   393 C  C5    . DA  B 2 8  ? 2.525   -0.558  5.215   1.00 37.19 ? 20 DA  B C5    1 
ATOM   394 C  C6    . DA  B 2 8  ? 1.432   -1.381  4.853   1.00 38.38 ? 20 DA  B C6    1 
ATOM   395 N  N6    . DA  B 2 8  ? 1.550   -2.650  4.442   1.00 45.35 ? 20 DA  B N6    1 
ATOM   396 N  N1    . DA  B 2 8  ? 0.201   -0.853  4.933   1.00 37.67 ? 20 DA  B N1    1 
ATOM   397 C  C2    . DA  B 2 8  ? 0.066   0.413   5.343   1.00 34.84 ? 20 DA  B C2    1 
ATOM   398 N  N3    . DA  B 2 8  ? 1.007   1.278   5.704   1.00 32.27 ? 20 DA  B N3    1 
ATOM   399 C  C4    . DA  B 2 8  ? 2.223   0.729   5.617   1.00 27.30 ? 20 DA  B C4    1 
ATOM   400 P  P     . DG  B 2 9  ? 4.540   5.728   9.246   1.00 59.85 ? 21 DG  B P     1 
ATOM   401 O  OP1   . DG  B 2 9  ? 4.282   7.178   9.316   1.00 47.99 ? 21 DG  B OP1   1 
ATOM   402 O  OP2   . DG  B 2 9  ? 5.756   5.130   9.845   1.00 55.08 ? 21 DG  B OP2   1 
ATOM   403 O  "O5'" . DG  B 2 9  ? 3.294   4.966   9.888   1.00 53.78 ? 21 DG  B "O5'" 1 
ATOM   404 C  "C5'" . DG  B 2 9  ? 2.041   4.959   9.222   1.00 47.66 ? 21 DG  B "C5'" 1 
ATOM   405 C  "C4'" . DG  B 2 9  ? 1.182   3.905   9.877   1.00 43.46 ? 21 DG  B "C4'" 1 
ATOM   406 O  "O4'" . DG  B 2 9  ? 1.344   2.648   9.178   1.00 44.26 ? 21 DG  B "O4'" 1 
ATOM   407 C  "C3'" . DG  B 2 9  ? 1.566   3.598   11.322  1.00 48.76 ? 21 DG  B "C3'" 1 
ATOM   408 O  "O3'" . DG  B 2 9  ? 0.376   3.289   11.993  1.00 50.75 ? 21 DG  B "O3'" 1 
ATOM   409 C  "C2'" . DG  B 2 9  ? 2.406   2.333   11.194  1.00 46.17 ? 21 DG  B "C2'" 1 
ATOM   410 C  "C1'" . DG  B 2 9  ? 1.523   1.650   10.158  1.00 41.67 ? 21 DG  B "C1'" 1 
ATOM   411 N  N9    . DG  B 2 9  ? 2.053   0.425   9.569   1.00 30.15 ? 21 DG  B N9    1 
ATOM   412 C  C8    . DG  B 2 9  ? 3.367   0.030   9.511   1.00 30.71 ? 21 DG  B C8    1 
ATOM   413 N  N7    . DG  B 2 9  ? 3.533   -1.127  8.937   1.00 35.00 ? 21 DG  B N7    1 
ATOM   414 C  C5    . DG  B 2 9  ? 2.237   -1.515  8.593   1.00 32.59 ? 21 DG  B C5    1 
ATOM   415 C  C6    . DG  B 2 9  ? 1.793   -2.680  7.943   1.00 33.66 ? 21 DG  B C6    1 
ATOM   416 O  O6    . DG  B 2 9  ? 2.493   -3.619  7.539   1.00 37.27 ? 21 DG  B O6    1 
ATOM   417 N  N1    . DG  B 2 9  ? 0.407   -2.708  7.797   1.00 30.96 ? 21 DG  B N1    1 
ATOM   418 C  C2    . DG  B 2 9  ? -0.437  -1.711  8.213   1.00 32.84 ? 21 DG  B C2    1 
ATOM   419 N  N2    . DG  B 2 9  ? -1.741  -1.902  7.976   1.00 36.16 ? 21 DG  B N2    1 
ATOM   420 N  N3    . DG  B 2 9  ? -0.035  -0.600  8.815   1.00 37.35 ? 21 DG  B N3    1 
ATOM   421 C  C4    . DG  B 2 9  ? 1.316   -0.576  8.976   1.00 30.08 ? 21 DG  B C4    1 
ATOM   422 P  P     . DA  B 2 10 ? 0.099   3.852   13.454  1.00 52.44 ? 22 DA  B P     1 
ATOM   423 O  OP1   . DA  B 2 10 ? 0.306   5.311   13.419  1.00 41.32 ? 22 DA  B OP1   1 
ATOM   424 O  OP2   . DA  B 2 10 ? 0.881   2.998   14.372  1.00 56.04 ? 22 DA  B OP2   1 
ATOM   425 O  "O5'" . DA  B 2 10 ? -1.448  3.504   13.642  1.00 46.57 ? 22 DA  B "O5'" 1 
ATOM   426 C  "C5'" . DA  B 2 10 ? -2.319  3.442   12.523  1.00 53.46 ? 22 DA  B "C5'" 1 
ATOM   427 C  "C4'" . DA  B 2 10 ? -3.241  2.238   12.599  1.00 51.21 ? 22 DA  B "C4'" 1 
ATOM   428 O  "O4'" . DA  B 2 10 ? -2.633  1.053   12.011  1.00 46.32 ? 22 DA  B "O4'" 1 
ATOM   429 C  "C3'" . DA  B 2 10 ? -3.655  1.850   14.004  1.00 51.77 ? 22 DA  B "C3'" 1 
ATOM   430 O  "O3'" . DA  B 2 10 ? -5.032  1.567   13.993  1.00 55.78 ? 22 DA  B "O3'" 1 
ATOM   431 C  "C2'" . DA  B 2 10 ? -2.837  0.593   14.290  1.00 51.04 ? 22 DA  B "C2'" 1 
ATOM   432 C  "C1'" . DA  B 2 10 ? -2.682  -0.037  12.911  1.00 37.88 ? 22 DA  B "C1'" 1 
ATOM   433 N  N9    . DA  B 2 10 ? -1.410  -0.728  12.734  1.00 32.61 ? 22 DA  B N9    1 
ATOM   434 C  C8    . DA  B 2 10 ? -0.180  -0.311  13.151  1.00 33.02 ? 22 DA  B C8    1 
ATOM   435 N  N7    . DA  B 2 10 ? 0.803   -1.117  12.828  1.00 34.17 ? 22 DA  B N7    1 
ATOM   436 C  C5    . DA  B 2 10 ? 0.161   -2.130  12.134  1.00 23.31 ? 22 DA  B C5    1 
ATOM   437 C  C6    . DA  B 2 10 ? 0.632   -3.308  11.536  1.00 30.15 ? 22 DA  B C6    1 
ATOM   438 N  N6    . DA  B 2 10 ? 1.916   -3.674  11.510  1.00 30.33 ? 22 DA  B N6    1 
ATOM   439 N  N1    . DA  B 2 10 ? -0.278  -4.100  10.943  1.00 34.21 ? 22 DA  B N1    1 
ATOM   440 C  C2    . DA  B 2 10 ? -1.562  -3.742  10.966  1.00 29.73 ? 22 DA  B C2    1 
ATOM   441 N  N3    . DA  B 2 10 ? -2.128  -2.680  11.512  1.00 34.56 ? 22 DA  B N3    1 
ATOM   442 C  C4    . DA  B 2 10 ? -1.198  -1.907  12.080  1.00 28.06 ? 22 DA  B C4    1 
ATOM   443 P  P     . DG  B 2 11 ? -5.757  1.247   15.372  1.00 61.97 ? 23 DG  B P     1 
ATOM   444 O  OP1   . DG  B 2 11 ? -7.129  1.796   15.284  1.00 61.14 ? 23 DG  B OP1   1 
ATOM   445 O  OP2   . DG  B 2 11 ? -4.831  1.637   16.464  1.00 60.84 ? 23 DG  B OP2   1 
ATOM   446 O  "O5'" . DG  B 2 11 ? -5.852  -0.351  15.357  1.00 57.24 ? 23 DG  B "O5'" 1 
ATOM   447 C  "C5'" . DG  B 2 11 ? -6.711  -1.035  14.462  1.00 42.75 ? 23 DG  B "C5'" 1 
ATOM   448 C  "C4'" . DG  B 2 11 ? -6.456  -2.518  14.634  1.00 43.44 ? 23 DG  B "C4'" 1 
ATOM   449 O  "O4'" . DG  B 2 11 ? -5.083  -2.823  14.284  1.00 34.63 ? 23 DG  B "O4'" 1 
ATOM   450 C  "C3'" . DG  B 2 11 ? -6.623  -2.996  16.073  1.00 47.40 ? 23 DG  B "C3'" 1 
ATOM   451 O  "O3'" . DG  B 2 11 ? -7.268  -4.241  16.058  1.00 54.72 ? 23 DG  B "O3'" 1 
ATOM   452 C  "C2'" . DG  B 2 11 ? -5.194  -3.144  16.586  1.00 33.03 ? 23 DG  B "C2'" 1 
ATOM   453 C  "C1'" . DG  B 2 11 ? -4.514  -3.613  15.313  1.00 34.72 ? 23 DG  B "C1'" 1 
ATOM   454 N  N9    . DG  B 2 11 ? -3.058  -3.495  15.365  1.00 26.60 ? 23 DG  B N9    1 
ATOM   455 C  C8    . DG  B 2 11 ? -2.300  -2.561  16.041  1.00 32.21 ? 23 DG  B C8    1 
ATOM   456 N  N7    . DG  B 2 11 ? -1.009  -2.753  15.934  1.00 29.01 ? 23 DG  B N7    1 
ATOM   457 C  C5    . DG  B 2 11 ? -0.916  -3.899  15.140  1.00 24.63 ? 23 DG  B C5    1 
ATOM   458 C  C6    . DG  B 2 11 ? 0.216   -4.601  14.671  1.00 32.12 ? 23 DG  B C6    1 
ATOM   459 O  O6    . DG  B 2 11 ? 1.405   -4.334  14.871  1.00 37.92 ? 23 DG  B O6    1 
ATOM   460 N  N1    . DG  B 2 11 ? -0.133  -5.727  13.924  1.00 34.10 ? 23 DG  B N1    1 
ATOM   461 C  C2    . DG  B 2 11 ? -1.425  -6.109  13.641  1.00 31.91 ? 23 DG  B C2    1 
ATOM   462 N  N2    . DG  B 2 11 ? -1.589  -7.200  12.880  1.00 35.07 ? 23 DG  B N2    1 
ATOM   463 N  N3    . DG  B 2 11 ? -2.494  -5.463  14.071  1.00 35.73 ? 23 DG  B N3    1 
ATOM   464 C  C4    . DG  B 2 11 ? -2.164  -4.374  14.808  1.00 32.43 ? 23 DG  B C4    1 
ATOM   465 P  P     . DG  B 2 12 ? -8.340  -4.641  17.164  1.00 55.37 ? 24 DG  B P     1 
ATOM   466 O  OP1   . DG  B 2 12 ? -9.661  -4.605  16.495  1.00 64.44 ? 24 DG  B OP1   1 
ATOM   467 O  OP2   . DG  B 2 12 ? -8.094  -3.863  18.398  1.00 57.05 ? 24 DG  B OP2   1 
ATOM   468 O  "O5'" . DG  B 2 12 ? -7.895  -6.156  17.424  1.00 58.80 ? 24 DG  B "O5'" 1 
ATOM   469 C  "C5'" . DG  B 2 12 ? -7.512  -6.960  16.307  1.00 49.78 ? 24 DG  B "C5'" 1 
ATOM   470 C  "C4'" . DG  B 2 12 ? -6.335  -7.864  16.633  1.00 46.70 ? 24 DG  B "C4'" 1 
ATOM   471 O  "O4'" . DG  B 2 12 ? -5.080  -7.177  16.441  1.00 48.03 ? 24 DG  B "O4'" 1 
ATOM   472 C  "C3'" . DG  B 2 12 ? -6.265  -8.330  18.072  1.00 47.55 ? 24 DG  B "C3'" 1 
ATOM   473 O  "O3'" . DG  B 2 12 ? -7.013  -9.528  18.211  1.00 62.19 ? 24 DG  B "O3'" 1 
ATOM   474 C  "C2'" . DG  B 2 12 ? -4.777  -8.563  18.309  1.00 44.18 ? 24 DG  B "C2'" 1 
ATOM   475 C  "C1'" . DG  B 2 12 ? -4.100  -7.955  17.083  1.00 38.27 ? 24 DG  B "C1'" 1 
ATOM   476 N  N9    . DG  B 2 12 ? -2.967  -7.120  17.452  1.00 31.08 ? 24 DG  B N9    1 
ATOM   477 C  C8    . DG  B 2 12 ? -3.002  -5.964  18.200  1.00 29.40 ? 24 DG  B C8    1 
ATOM   478 N  N7    . DG  B 2 12 ? -1.825  -5.438  18.398  1.00 31.95 ? 24 DG  B N7    1 
ATOM   479 C  C5    . DG  B 2 12 ? -0.958  -6.301  17.742  1.00 29.22 ? 24 DG  B C5    1 
ATOM   480 C  C6    . DG  B 2 12 ? 0.451   -6.255  17.622  1.00 28.15 ? 24 DG  B C6    1 
ATOM   481 O  O6    . DG  B 2 12 ? 1.236   -5.409  18.076  1.00 35.00 ? 24 DG  B O6    1 
ATOM   482 N  N1    . DG  B 2 12 ? 0.938   -7.337  16.894  1.00 32.36 ? 24 DG  B N1    1 
ATOM   483 C  C2    . DG  B 2 12 ? 0.160   -8.332  16.354  1.00 26.20 ? 24 DG  B C2    1 
ATOM   484 N  N2    . DG  B 2 12 ? 0.809   -9.285  15.689  1.00 33.90 ? 24 DG  B N2    1 
ATOM   485 N  N3    . DG  B 2 12 ? -1.151  -8.401  16.474  1.00 30.85 ? 24 DG  B N3    1 
ATOM   486 C  C4    . DG  B 2 12 ? -1.645  -7.347  17.166  1.00 28.96 ? 24 DG  B C4    1 
HETATM 487 N  N1    . C7P C 3 .  ? -7.107  1.486   -1.259  1.00 31.90 ? 25 C7P A N1    1 
HETATM 488 C  C1    . C7P C 3 .  ? -7.696  2.617   -0.841  1.00 55.35 ? 25 C7P A C1    1 
HETATM 489 C  C2    . C7P C 3 .  ? -8.647  2.575   0.177   1.00 46.35 ? 25 C7P A C2    1 
HETATM 490 C  C3    . C7P C 3 .  ? -8.985  1.352   0.750   1.00 49.08 ? 25 C7P A C3    1 
HETATM 491 C  C4    . C7P C 3 .  ? -8.359  0.196   0.299   1.00 39.73 ? 25 C7P A C4    1 
HETATM 492 C  C5    . C7P C 3 .  ? -7.413  0.294   -0.719  1.00 53.68 ? 25 C7P A C5    1 
HETATM 493 PT PT1   . C7P C 3 .  ? -5.826  1.576   -2.667  1.00 45.36 ? 25 C7P A PT1   1 
HETATM 494 N  N2    . C7P C 3 .  ? -4.734  1.494   -4.240  1.00 39.13 ? 25 C7P A N2    1 
HETATM 495 N  N3    . C7P C 3 .  ? -7.138  0.662   -3.764  1.00 39.25 ? 25 C7P A N3    1 
HETATM 496 O  O     . HOH D 4 .  ? -3.874  -3.567  -0.929  1.00 35.08 ? 26 HOH A O     1 
HETATM 497 O  O     . HOH D 4 .  ? 8.887   -7.946  19.224  1.00 40.58 ? 27 HOH A O     1 
HETATM 498 O  O     . HOH D 4 .  ? 6.623   -6.056  20.173  1.00 37.51 ? 28 HOH A O     1 
HETATM 499 O  O     . HOH D 4 .  ? 3.049   -7.818  4.177   1.00 53.17 ? 29 HOH A O     1 
HETATM 500 O  O     . HOH D 4 .  ? -4.554  -1.657  -2.976  1.00 42.25 ? 30 HOH A O     1 
HETATM 501 O  O     . HOH D 4 .  ? -5.983  -0.299  -6.403  1.00 31.31 ? 31 HOH A O     1 
HETATM 502 O  O     . HOH E 4 .  ? -0.219  12.067  -13.145 1.00 48.05 ? 25 HOH B O     1 
HETATM 503 O  O     . HOH E 4 .  ? -0.072  4.100   5.989   1.00 50.83 ? 26 HOH B O     1 
HETATM 504 O  O     . HOH E 4 .  ? -0.987  9.301   -9.940  1.00 39.76 ? 27 HOH B O     1 
HETATM 505 O  O     . HOH E 4 .  ? -4.782  -2.812  -10.011 1.00 33.04 ? 28 HOH B O     1 
HETATM 506 O  O     . HOH E 4 .  ? -1.953  -3.389  -5.815  1.00 27.03 ? 29 HOH B O     1 
HETATM 507 O  O     . HOH E 4 .  ? -0.302  5.180   2.113   1.00 47.05 ? 30 HOH B O     1 
HETATM 508 O  O     . HOH E 4 .  ? 6.294   -2.655  17.017  1.00 49.04 ? 31 HOH B O     1 
HETATM 509 O  O     . HOH E 4 .  ? 4.430   -1.771  19.702  1.00 48.44 ? 32 HOH B O     1 
HETATM 510 O  O     . HOH E 4 .  ? 1.779   -3.210  19.941  1.00 52.26 ? 33 HOH B O     1 
HETATM 511 O  O     . HOH E 4 .  ? -7.239  9.315   -10.915 1.00 50.74 ? 34 HOH B O     1 
# 
